data_7F3Z
#
_entry.id   7F3Z
#
_cell.length_a   56.332
_cell.length_b   153.739
_cell.length_c   164.119
_cell.angle_alpha   90.000
_cell.angle_beta   90.000
_cell.angle_gamma   90.000
#
_symmetry.space_group_name_H-M   'P 21 21 21'
#
loop_
_entity.id
_entity.type
_entity.pdbx_description
1 polymer 'Bifunctional dihydrofolate reductase-thymidylate synthase'
2 non-polymer 'NADPH DIHYDRO-NICOTINAMIDE-ADENINE-DINUCLEOTIDE PHOSPHATE'
3 non-polymer "2'-DEOXYURIDINE 5'-MONOPHOSPHATE"
4 non-polymer TRIMETHOPRIM
5 non-polymer GLYCEROL
6 water water
#
_entity_poly.entity_id   1
_entity_poly.type   'polypeptide(L)'
_entity_poly.pdbx_seq_one_letter_code
;MMEQVCDVFDIYAICACCKVESKNEGKKNEVFNNYTFRGLGNKGVLPWKCNSLDMKYFRAVTTYVNESKYEKLKYKRCKY
LNKETVDNVNDMPNSKKLQNVVVMGRTNWESIPKKFKPLSNRINVILSRTLKKEDFDEDVYIINKVEDLIVLLGKLNYYK
CFIIGGSVVYQEFLEKKLIKKIYFTRINSTYECDVFFPEINENEYQIISVSDVYTSNNTTLDFIIYKKTNNKMLNEQNCI
KGEEKNNDMPLKNDDKDTCHMKKLTEFYKNVDKYKINYENDDDDEEEDDFVYFNFNKEKEEKNKNSIHPNDFQIYNSLKY
KYHPEYQYLNIIYDIMMNGNKQSDRTGVGVLSKFGYIMKFDLSQYFPLLTTKKLFLRGIIEELLWFIRGETNGNTLLNKN
VRIWEANGTREFLDNRKLFHREVNDLGPIYGFQWRHFGAEYTNMYDNYENKGVDQLKNIINLIKNDPTSRRILLCAWNVK
DLDQMALPPCHILCQFYVFDGKLSCIMYQRSCDLGLGVPFNIASYSIFTHMIAQVCNLQPAQFIHVLGNAHVYNNHIDSL
KIQLNRIPYPFPTLKLNPDIKNIEDFTISDFTIQNYVHHEKISMDMAA
;
_entity_poly.pdbx_strand_id   A,B
#
# COMPACT_ATOMS: atom_id res chain seq x y z
N MET A 1 18.42 37.63 18.93
CA MET A 1 17.18 36.81 18.65
C MET A 1 16.18 37.71 17.89
N MET A 2 15.90 37.35 16.63
CA MET A 2 14.92 38.06 15.76
C MET A 2 13.74 37.11 15.53
N GLU A 3 12.52 37.63 15.55
CA GLU A 3 11.33 36.89 15.03
C GLU A 3 10.89 37.59 13.73
N GLN A 4 10.68 36.79 12.68
CA GLN A 4 10.38 37.25 11.30
C GLN A 4 8.92 37.72 11.20
N VAL A 5 8.69 38.82 10.46
CA VAL A 5 7.35 39.42 10.21
C VAL A 5 6.47 38.39 9.48
N CYS A 6 7.06 37.60 8.57
CA CYS A 6 6.36 36.57 7.76
C CYS A 6 5.90 35.40 8.64
N ASP A 7 6.63 35.06 9.71
CA ASP A 7 6.21 33.93 10.60
C ASP A 7 5.11 34.43 11.54
N VAL A 8 5.27 35.65 12.07
CA VAL A 8 4.40 36.22 13.13
C VAL A 8 3.02 36.50 12.53
N PHE A 9 2.97 37.15 11.37
CA PHE A 9 1.69 37.52 10.71
C PHE A 9 1.28 36.47 9.67
N ASP A 10 2.03 35.38 9.54
CA ASP A 10 1.69 34.25 8.63
C ASP A 10 1.38 34.80 7.23
N ILE A 11 2.37 35.41 6.59
CA ILE A 11 2.21 36.01 5.24
C ILE A 11 2.69 34.99 4.21
N TYR A 12 1.79 34.55 3.31
CA TYR A 12 2.05 33.48 2.33
C TYR A 12 1.81 34.04 0.93
N ALA A 13 2.40 33.44 -0.10
CA ALA A 13 2.18 33.76 -1.52
C ALA A 13 1.54 32.56 -2.21
N ILE A 14 0.57 32.81 -3.08
CA ILE A 14 -0.04 31.76 -3.94
C ILE A 14 -0.04 32.31 -5.35
N CYS A 15 0.31 31.47 -6.33
CA CYS A 15 0.43 31.88 -7.75
C CYS A 15 0.21 30.68 -8.66
N ALA A 16 -0.04 30.98 -9.94
CA ALA A 16 -0.15 30.00 -11.04
C ALA A 16 0.67 30.51 -12.21
N CYS A 17 1.51 29.64 -12.74
CA CYS A 17 2.52 30.00 -13.74
C CYS A 17 2.52 28.96 -14.86
N CYS A 18 2.42 29.39 -16.11
CA CYS A 18 2.59 28.53 -17.29
C CYS A 18 4.03 28.66 -17.81
N LYS A 19 4.36 27.86 -18.83
CA LYS A 19 5.60 28.01 -19.65
C LYS A 19 5.40 29.16 -20.65
N VAL A 20 6.48 29.86 -20.98
CA VAL A 20 6.47 31.08 -21.84
C VAL A 20 6.81 30.72 -23.30
N GLU A 21 6.10 31.34 -24.24
CA GLU A 21 6.25 31.11 -25.70
C GLU A 21 7.56 31.72 -26.18
N SER A 22 8.56 31.84 -25.29
CA SER A 22 9.93 32.38 -25.56
C SER A 22 10.50 31.79 -26.88
N LYS A 23 11.29 32.60 -27.61
CA LYS A 23 11.93 32.26 -28.92
C LYS A 23 13.04 31.22 -28.70
N ASN A 24 12.67 29.93 -28.81
CA ASN A 24 13.51 28.71 -28.62
C ASN A 24 14.29 28.39 -29.91
N GLU A 25 15.22 29.29 -30.31
CA GLU A 25 15.73 29.50 -31.71
C GLU A 25 16.10 28.15 -32.39
N GLY A 26 17.22 27.53 -31.95
CA GLY A 26 17.62 26.16 -32.32
C GLY A 26 17.42 25.20 -31.14
N LYS A 27 16.59 25.60 -30.15
CA LYS A 27 16.22 24.85 -28.90
C LYS A 27 14.94 24.01 -29.14
N LYS A 28 15.07 22.89 -29.87
CA LYS A 28 14.10 21.76 -29.95
C LYS A 28 14.45 20.74 -28.87
N ASN A 29 15.75 20.54 -28.66
CA ASN A 29 16.37 19.98 -27.41
C ASN A 29 16.77 21.20 -26.54
N GLU A 30 15.99 21.45 -25.47
CA GLU A 30 16.12 22.61 -24.52
C GLU A 30 16.24 22.09 -23.08
N VAL A 31 17.01 22.80 -22.24
CA VAL A 31 17.21 22.52 -20.79
C VAL A 31 16.02 23.11 -20.01
N PHE A 32 15.55 22.44 -18.96
CA PHE A 32 14.36 22.82 -18.15
C PHE A 32 14.73 22.95 -16.67
N ASN A 33 14.24 24.01 -16.00
CA ASN A 33 14.41 24.29 -14.55
C ASN A 33 13.10 24.80 -13.95
N ASN A 34 13.11 25.22 -12.67
CA ASN A 34 11.89 25.66 -11.94
C ASN A 34 11.40 27.01 -12.49
N TYR A 35 12.24 27.71 -13.27
CA TYR A 35 11.92 28.99 -13.95
C TYR A 35 11.25 28.74 -15.31
N THR A 36 11.25 27.51 -15.83
CA THR A 36 10.46 27.14 -17.03
C THR A 36 9.00 27.60 -16.79
N PHE A 37 8.55 27.54 -15.53
CA PHE A 37 7.21 27.97 -15.02
C PHE A 37 7.33 29.36 -14.39
N ARG A 38 6.96 30.39 -15.15
CA ARG A 38 7.14 31.79 -14.75
C ARG A 38 6.09 32.70 -15.39
N GLY A 39 5.24 32.18 -16.28
CA GLY A 39 4.23 32.98 -17.03
C GLY A 39 2.98 33.25 -16.20
N LEU A 40 2.68 34.54 -15.96
CA LEU A 40 1.58 35.01 -15.06
C LEU A 40 0.40 35.56 -15.85
N GLY A 41 0.66 36.46 -16.81
CA GLY A 41 -0.37 37.30 -17.45
C GLY A 41 -0.14 37.50 -18.94
N ASN A 42 -1.23 37.79 -19.66
CA ASN A 42 -1.21 38.34 -21.04
C ASN A 42 -2.39 39.28 -21.23
N LYS A 43 -2.12 40.56 -21.55
CA LYS A 43 -3.13 41.58 -21.93
C LYS A 43 -4.16 41.66 -20.82
N GLY A 44 -3.70 41.70 -19.57
CA GLY A 44 -4.55 42.02 -18.40
C GLY A 44 -5.44 40.86 -17.99
N VAL A 45 -5.18 39.65 -18.50
CA VAL A 45 -5.93 38.42 -18.10
C VAL A 45 -4.95 37.25 -17.94
N LEU A 46 -5.42 36.07 -17.52
CA LEU A 46 -4.56 34.86 -17.38
C LEU A 46 -4.21 34.34 -18.77
N PRO A 47 -2.95 33.93 -19.02
CA PRO A 47 -2.53 33.50 -20.34
C PRO A 47 -3.39 32.35 -20.90
N TRP A 48 -3.94 31.52 -20.00
CA TRP A 48 -4.77 30.31 -20.29
C TRP A 48 -6.26 30.59 -20.06
N LYS A 49 -6.61 31.78 -19.56
CA LYS A 49 -7.99 32.31 -19.34
C LYS A 49 -8.60 31.68 -18.07
N CYS A 50 -9.21 30.49 -18.17
CA CYS A 50 -9.83 29.71 -17.04
C CYS A 50 -9.02 28.44 -16.85
N ASN A 51 -8.57 28.16 -15.62
CA ASN A 51 -8.29 26.76 -15.21
C ASN A 51 -9.12 26.45 -13.97
N SER A 52 -10.28 25.85 -14.21
CA SER A 52 -11.28 25.31 -13.24
C SER A 52 -10.61 24.76 -11.96
N LEU A 53 -9.60 23.90 -12.09
CA LEU A 53 -9.00 23.22 -10.92
C LEU A 53 -8.03 24.17 -10.20
N ASP A 54 -7.19 24.94 -10.91
CA ASP A 54 -6.40 26.02 -10.25
C ASP A 54 -7.36 26.89 -9.42
N MET A 55 -8.54 27.19 -9.96
CA MET A 55 -9.55 28.08 -9.32
C MET A 55 -10.03 27.40 -8.04
N LYS A 56 -10.27 26.09 -8.11
CA LYS A 56 -10.80 25.27 -6.99
C LYS A 56 -9.73 25.18 -5.88
N TYR A 57 -8.46 25.06 -6.26
CA TYR A 57 -7.31 25.06 -5.33
C TYR A 57 -7.22 26.41 -4.61
N PHE A 58 -7.07 27.46 -5.40
CA PHE A 58 -6.97 28.87 -4.93
C PHE A 58 -8.08 29.18 -3.91
N ARG A 59 -9.34 28.90 -4.25
CA ARG A 59 -10.49 29.14 -3.34
C ARG A 59 -10.25 28.36 -2.04
N ALA A 60 -9.92 27.07 -2.14
CA ALA A 60 -9.82 26.18 -0.96
C ALA A 60 -8.73 26.73 -0.03
N VAL A 61 -7.57 27.06 -0.56
CA VAL A 61 -6.41 27.49 0.27
C VAL A 61 -6.70 28.88 0.86
N THR A 62 -7.09 29.84 0.03
CA THR A 62 -7.21 31.27 0.43
C THR A 62 -8.42 31.48 1.37
N THR A 63 -9.40 30.57 1.42
CA THR A 63 -10.58 30.70 2.31
C THR A 63 -10.34 29.85 3.56
N TYR A 64 -9.76 28.65 3.42
CA TYR A 64 -9.69 27.65 4.53
C TYR A 64 -9.03 28.29 5.76
N VAL A 65 -9.70 28.19 6.92
CA VAL A 65 -9.17 28.63 8.25
C VAL A 65 -9.50 27.52 9.24
N ASN A 66 -8.89 27.59 10.43
CA ASN A 66 -9.09 26.61 11.53
C ASN A 66 -9.04 27.35 12.87
N GLU A 67 -10.14 27.38 13.62
CA GLU A 67 -10.29 28.25 14.82
C GLU A 67 -9.31 27.83 15.95
N SER A 68 -9.20 26.54 16.29
CA SER A 68 -8.28 26.05 17.35
C SER A 68 -6.94 26.77 17.21
N LYS A 69 -6.42 26.78 15.98
CA LYS A 69 -5.06 27.29 15.69
C LYS A 69 -5.06 28.83 15.72
N TYR A 70 -6.20 29.50 15.96
CA TYR A 70 -6.22 30.98 16.06
C TYR A 70 -5.69 31.38 17.45
N GLU A 71 -6.23 30.77 18.51
CA GLU A 71 -5.87 31.13 19.91
C GLU A 71 -4.36 31.30 20.01
N LYS A 72 -3.58 30.37 19.45
CA LYS A 72 -2.08 30.44 19.45
C LYS A 72 -1.60 31.62 18.61
N LEU A 73 -2.17 31.84 17.41
CA LEU A 73 -1.73 32.86 16.42
C LEU A 73 -1.97 34.27 16.99
N LYS A 74 -3.10 34.49 17.67
CA LYS A 74 -3.46 35.77 18.31
C LYS A 74 -2.47 36.05 19.44
N TYR A 75 -2.23 35.04 20.29
CA TYR A 75 -1.26 35.06 21.42
C TYR A 75 0.13 35.50 20.91
N LYS A 76 0.63 34.82 19.86
CA LYS A 76 1.96 35.06 19.22
C LYS A 76 2.03 36.47 18.61
N ARG A 77 0.98 36.88 17.89
CA ARG A 77 0.91 38.23 17.26
C ARG A 77 0.87 39.29 18.37
N CYS A 78 0.09 39.04 19.42
CA CYS A 78 -0.06 39.96 20.58
C CYS A 78 1.28 40.05 21.31
N LYS A 79 1.89 38.91 21.65
CA LYS A 79 3.21 38.85 22.33
C LYS A 79 4.20 39.72 21.54
N TYR A 80 4.65 39.27 20.37
CA TYR A 80 5.55 40.05 19.48
C TYR A 80 5.19 41.54 19.56
N LEU A 81 3.89 41.86 19.54
CA LEU A 81 3.37 43.24 19.31
C LEU A 81 2.91 43.95 20.60
N ASN A 82 3.19 43.39 21.79
CA ASN A 82 2.90 43.96 23.14
C ASN A 82 1.39 44.14 23.35
N LYS A 83 0.73 43.22 24.09
CA LYS A 83 -0.75 43.21 24.32
C LYS A 83 -1.15 41.94 25.07
N GLU A 84 -2.46 41.77 25.39
CA GLU A 84 -3.08 40.49 25.84
C GLU A 84 -4.60 40.67 26.09
N THR A 85 -5.46 39.95 25.33
CA THR A 85 -6.96 40.04 25.34
C THR A 85 -7.63 38.66 25.17
N VAL A 86 -8.98 38.61 25.25
CA VAL A 86 -9.87 37.42 25.08
C VAL A 86 -9.58 36.38 26.18
N LYS A 96 -17.30 37.95 13.48
CA LYS A 96 -17.22 36.83 14.46
C LYS A 96 -16.61 35.59 13.78
N LYS A 97 -17.19 35.19 12.62
CA LYS A 97 -16.75 34.05 11.76
C LYS A 97 -15.41 34.40 11.08
N LEU A 98 -14.37 33.59 11.32
CA LEU A 98 -12.93 33.91 11.07
C LEU A 98 -12.56 33.72 9.59
N GLN A 99 -11.74 34.62 9.03
CA GLN A 99 -11.41 34.64 7.58
C GLN A 99 -9.89 34.83 7.36
N ASN A 100 -9.42 34.55 6.14
CA ASN A 100 -8.05 34.91 5.68
C ASN A 100 -8.07 36.28 5.02
N VAL A 101 -6.92 36.94 4.99
CA VAL A 101 -6.73 38.16 4.14
C VAL A 101 -6.11 37.73 2.81
N VAL A 102 -6.54 38.36 1.73
CA VAL A 102 -5.87 38.25 0.41
C VAL A 102 -5.43 39.65 -0.02
N VAL A 103 -4.21 39.75 -0.54
CA VAL A 103 -3.57 41.07 -0.85
C VAL A 103 -3.24 41.04 -2.34
N MET A 104 -3.92 41.86 -3.14
CA MET A 104 -3.64 41.97 -4.58
C MET A 104 -3.19 43.39 -4.92
N GLY A 105 -2.45 43.53 -6.03
CA GLY A 105 -2.20 44.82 -6.68
C GLY A 105 -3.41 45.25 -7.48
N ARG A 106 -3.44 46.52 -7.88
CA ARG A 106 -4.60 47.13 -8.55
C ARG A 106 -4.79 46.45 -9.91
N THR A 107 -3.72 46.10 -10.65
CA THR A 107 -3.89 45.52 -12.02
C THR A 107 -4.53 44.15 -11.87
N ASN A 108 -4.04 43.39 -10.90
CA ASN A 108 -4.59 42.06 -10.56
C ASN A 108 -6.08 42.22 -10.28
N TRP A 109 -6.41 43.08 -9.32
CA TRP A 109 -7.82 43.37 -8.93
C TRP A 109 -8.70 43.62 -10.17
N GLU A 110 -8.21 44.42 -11.12
CA GLU A 110 -8.99 44.75 -12.34
C GLU A 110 -8.97 43.57 -13.31
N SER A 111 -7.97 42.68 -13.21
CA SER A 111 -7.87 41.49 -14.10
C SER A 111 -8.98 40.49 -13.75
N ILE A 112 -9.38 40.44 -12.48
CA ILE A 112 -10.38 39.48 -11.91
C ILE A 112 -11.79 39.82 -12.42
N PRO A 113 -12.52 38.85 -13.04
CA PRO A 113 -13.93 39.05 -13.39
C PRO A 113 -14.78 39.67 -12.28
N LYS A 114 -15.79 40.44 -12.65
CA LYS A 114 -16.68 41.18 -11.71
C LYS A 114 -17.46 40.20 -10.84
N LYS A 115 -17.77 39.01 -11.36
CA LYS A 115 -18.61 37.98 -10.66
C LYS A 115 -17.82 37.33 -9.51
N PHE A 116 -16.50 37.54 -9.43
CA PHE A 116 -15.61 36.96 -8.38
C PHE A 116 -15.22 38.03 -7.36
N LYS A 117 -15.43 39.31 -7.67
CA LYS A 117 -14.95 40.46 -6.84
C LYS A 117 -16.11 40.96 -5.98
N PRO A 118 -15.86 41.34 -4.70
CA PRO A 118 -14.64 40.99 -4.00
C PRO A 118 -14.69 39.49 -3.70
N LEU A 119 -13.53 38.91 -3.38
CA LEU A 119 -13.36 37.44 -3.22
C LEU A 119 -14.14 37.00 -1.97
N SER A 120 -15.02 36.01 -2.12
CA SER A 120 -15.98 35.54 -1.09
C SER A 120 -15.24 35.05 0.15
N ASN A 121 -15.77 35.32 1.34
CA ASN A 121 -15.33 34.82 2.67
C ASN A 121 -13.84 35.10 2.90
N ARG A 122 -13.32 36.15 2.30
CA ARG A 122 -11.93 36.61 2.43
C ARG A 122 -11.98 38.14 2.67
N ILE A 123 -11.07 38.66 3.47
CA ILE A 123 -10.77 40.10 3.63
C ILE A 123 -9.87 40.51 2.46
N ASN A 124 -10.36 41.38 1.59
CA ASN A 124 -9.68 41.78 0.32
C ASN A 124 -8.85 43.05 0.54
N VAL A 125 -7.54 42.97 0.41
CA VAL A 125 -6.66 44.17 0.44
C VAL A 125 -6.12 44.46 -0.98
N ILE A 126 -6.24 45.72 -1.41
CA ILE A 126 -5.74 46.21 -2.72
C ILE A 126 -4.64 47.23 -2.43
N LEU A 127 -3.44 47.02 -2.99
CA LEU A 127 -2.32 48.01 -3.07
C LEU A 127 -2.50 48.86 -4.33
N SER A 128 -2.36 50.19 -4.19
CA SER A 128 -2.51 51.20 -5.28
C SER A 128 -2.09 52.59 -4.80
N ARG A 129 -1.48 53.36 -5.69
CA ARG A 129 -1.25 54.82 -5.52
C ARG A 129 -2.32 55.55 -6.35
N THR A 130 -2.45 55.21 -7.63
CA THR A 130 -3.44 55.77 -8.60
C THR A 130 -4.85 55.88 -8.00
N LEU A 131 -5.28 54.87 -7.22
CA LEU A 131 -6.66 54.75 -6.71
C LEU A 131 -6.67 54.83 -5.19
N LYS A 132 -7.65 55.56 -4.65
CA LYS A 132 -7.93 55.71 -3.19
C LYS A 132 -9.27 55.05 -2.86
N LYS A 133 -9.64 54.98 -1.58
CA LYS A 133 -10.84 54.23 -1.12
C LYS A 133 -12.09 54.70 -1.89
N GLU A 134 -12.15 55.99 -2.28
CA GLU A 134 -13.31 56.66 -2.92
C GLU A 134 -13.55 56.13 -4.33
N ASP A 135 -12.53 55.56 -4.98
CA ASP A 135 -12.61 55.03 -6.38
C ASP A 135 -13.11 53.58 -6.37
N PHE A 136 -13.46 53.03 -5.19
CA PHE A 136 -14.07 51.67 -5.07
C PHE A 136 -15.47 51.80 -4.44
N ASP A 137 -16.39 50.98 -4.94
CA ASP A 137 -17.74 50.68 -4.41
C ASP A 137 -17.65 49.49 -3.45
N GLU A 138 -16.68 48.60 -3.67
CA GLU A 138 -16.66 47.21 -3.14
C GLU A 138 -16.16 47.14 -1.69
N ASP A 139 -16.44 46.03 -1.01
CA ASP A 139 -15.97 45.72 0.37
C ASP A 139 -14.49 45.33 0.33
N VAL A 140 -13.60 46.33 0.24
CA VAL A 140 -12.12 46.12 0.22
C VAL A 140 -11.42 47.23 1.01
N TYR A 141 -10.21 46.96 1.51
CA TYR A 141 -9.25 47.91 2.13
C TYR A 141 -8.23 48.35 1.08
N ILE A 142 -8.24 49.62 0.74
CA ILE A 142 -7.18 50.27 -0.08
C ILE A 142 -6.02 50.66 0.86
N ILE A 143 -4.84 50.06 0.66
CA ILE A 143 -3.55 50.56 1.25
C ILE A 143 -2.64 51.04 0.11
N ASN A 144 -1.72 51.96 0.37
CA ASN A 144 -0.89 52.56 -0.70
C ASN A 144 0.58 52.26 -0.43
N LYS A 145 0.88 51.43 0.57
CA LYS A 145 2.27 50.98 0.81
C LYS A 145 2.27 49.65 1.60
N VAL A 146 3.31 48.86 1.40
CA VAL A 146 3.48 47.52 2.01
C VAL A 146 3.49 47.67 3.55
N GLU A 147 3.96 48.78 4.10
CA GLU A 147 4.04 48.95 5.58
C GLU A 147 2.62 49.02 6.16
N ASP A 148 1.70 49.66 5.42
CA ASP A 148 0.27 49.84 5.81
C ASP A 148 -0.39 48.47 5.92
N LEU A 149 0.08 47.44 5.20
CA LEU A 149 -0.45 46.06 5.35
C LEU A 149 -0.17 45.56 6.77
N ILE A 150 1.07 45.62 7.23
CA ILE A 150 1.52 45.04 8.53
C ILE A 150 0.82 45.79 9.67
N VAL A 151 0.57 47.09 9.48
CA VAL A 151 -0.28 47.93 10.37
C VAL A 151 -1.66 47.24 10.47
N LEU A 152 -2.34 47.09 9.33
CA LEU A 152 -3.70 46.52 9.18
C LEU A 152 -3.73 45.08 9.72
N LEU A 153 -2.69 44.28 9.48
CA LEU A 153 -2.61 42.87 9.97
C LEU A 153 -2.51 42.86 11.50
N GLY A 154 -1.79 43.80 12.11
CA GLY A 154 -1.64 43.92 13.57
C GLY A 154 -2.91 44.43 14.24
N LYS A 155 -3.90 44.90 13.46
CA LYS A 155 -5.21 45.39 13.97
C LYS A 155 -6.27 44.28 13.83
N LEU A 156 -6.35 43.63 12.66
CA LEU A 156 -7.45 42.70 12.25
C LEU A 156 -7.38 41.36 12.98
N ASN A 157 -8.53 40.71 13.15
CA ASN A 157 -8.63 39.24 13.33
C ASN A 157 -8.72 38.60 11.96
N TYR A 158 -7.75 37.73 11.67
CA TYR A 158 -7.59 36.95 10.42
C TYR A 158 -6.78 35.70 10.78
N TYR A 159 -6.85 34.65 9.98
CA TYR A 159 -6.14 33.37 10.22
C TYR A 159 -4.76 33.51 9.57
N LYS A 160 -4.78 33.66 8.24
CA LYS A 160 -3.58 33.69 7.37
C LYS A 160 -3.76 34.78 6.31
N CYS A 161 -2.64 35.30 5.80
CA CYS A 161 -2.56 36.39 4.79
C CYS A 161 -1.91 35.86 3.50
N PHE A 162 -2.63 35.98 2.38
CA PHE A 162 -2.20 35.44 1.07
C PHE A 162 -1.97 36.60 0.09
N ILE A 163 -0.73 36.76 -0.35
CA ILE A 163 -0.37 37.62 -1.51
C ILE A 163 -0.80 36.88 -2.77
N ILE A 164 -1.73 37.44 -3.57
CA ILE A 164 -2.36 36.73 -4.73
C ILE A 164 -1.91 37.38 -6.03
N GLY A 165 -0.89 38.23 -5.99
CA GLY A 165 -0.31 38.88 -7.19
C GLY A 165 -0.84 40.29 -7.47
N GLY A 166 -0.42 40.90 -8.57
CA GLY A 166 0.30 40.25 -9.66
C GLY A 166 1.78 40.41 -9.50
N SER A 167 2.51 40.42 -10.63
CA SER A 167 4.00 40.34 -10.72
C SER A 167 4.68 41.38 -9.81
N VAL A 168 4.29 42.64 -9.94
CA VAL A 168 4.87 43.74 -9.12
C VAL A 168 4.68 43.41 -7.63
N VAL A 169 3.53 42.87 -7.24
CA VAL A 169 3.26 42.58 -5.80
C VAL A 169 4.12 41.39 -5.36
N TYR A 170 4.17 40.31 -6.11
CA TYR A 170 5.00 39.12 -5.76
C TYR A 170 6.45 39.56 -5.61
N GLN A 171 6.92 40.40 -6.54
CA GLN A 171 8.30 40.95 -6.60
C GLN A 171 8.69 41.54 -5.24
N GLU A 172 8.06 42.64 -4.82
CA GLU A 172 8.51 43.42 -3.65
C GLU A 172 8.38 42.60 -2.37
N PHE A 173 7.45 41.65 -2.32
CA PHE A 173 7.18 40.87 -1.10
C PHE A 173 8.33 39.86 -0.89
N LEU A 174 9.06 39.52 -1.95
CA LEU A 174 10.24 38.62 -1.89
C LEU A 174 11.51 39.49 -1.71
N GLU A 175 11.61 40.63 -2.40
CA GLU A 175 12.66 41.66 -2.16
C GLU A 175 12.87 41.83 -0.65
N LYS A 176 11.77 41.79 0.13
CA LYS A 176 11.73 42.11 1.57
C LYS A 176 11.64 40.83 2.42
N LYS A 177 11.82 39.66 1.82
CA LYS A 177 11.59 38.34 2.49
C LYS A 177 10.44 38.48 3.51
N LEU A 178 9.22 38.76 3.02
CA LEU A 178 7.97 38.78 3.82
C LEU A 178 7.10 37.55 3.52
N ILE A 179 7.60 36.61 2.70
CA ILE A 179 6.88 35.36 2.29
C ILE A 179 7.49 34.14 3.00
N LYS A 180 6.65 33.42 3.75
CA LYS A 180 6.98 32.23 4.58
C LYS A 180 6.98 30.97 3.73
N LYS A 181 6.01 30.86 2.81
CA LYS A 181 5.89 29.78 1.79
C LYS A 181 5.22 30.34 0.53
N ILE A 182 5.57 29.80 -0.64
CA ILE A 182 4.88 30.03 -1.95
C ILE A 182 4.12 28.75 -2.32
N TYR A 183 2.80 28.85 -2.43
CA TYR A 183 1.91 27.85 -3.05
C TYR A 183 1.82 28.14 -4.57
N PHE A 184 2.50 27.32 -5.36
CA PHE A 184 2.82 27.58 -6.78
C PHE A 184 2.13 26.50 -7.63
N THR A 185 1.22 26.90 -8.51
CA THR A 185 0.55 26.00 -9.48
C THR A 185 1.36 25.98 -10.76
N ARG A 186 1.90 24.82 -11.15
CA ARG A 186 2.66 24.68 -12.42
C ARG A 186 1.66 24.22 -13.48
N ILE A 187 1.15 25.16 -14.28
CA ILE A 187 0.30 24.93 -15.48
C ILE A 187 1.21 24.39 -16.58
N ASN A 188 1.10 23.11 -16.96
CA ASN A 188 2.09 22.49 -17.88
C ASN A 188 1.67 22.65 -19.33
N SER A 189 1.50 23.91 -19.77
CA SER A 189 1.13 24.33 -21.15
C SER A 189 1.88 25.61 -21.48
N THR A 190 2.10 25.87 -22.77
CA THR A 190 2.81 27.07 -23.28
C THR A 190 1.79 28.11 -23.79
N TYR A 191 1.97 29.37 -23.41
CA TYR A 191 1.08 30.49 -23.80
C TYR A 191 1.90 31.76 -23.99
N GLU A 192 1.40 32.62 -24.87
CA GLU A 192 1.84 34.03 -25.02
C GLU A 192 1.65 34.66 -23.64
N CYS A 193 2.68 35.30 -23.11
CA CYS A 193 2.68 35.99 -21.79
C CYS A 193 3.32 37.38 -21.94
N ASP A 194 2.84 38.39 -21.22
CA ASP A 194 3.53 39.72 -21.11
C ASP A 194 4.02 40.00 -19.68
N VAL A 195 3.50 39.28 -18.65
CA VAL A 195 3.88 39.46 -17.21
C VAL A 195 4.38 38.12 -16.65
N PHE A 196 5.46 38.17 -15.84
CA PHE A 196 6.26 36.99 -15.41
C PHE A 196 6.45 36.99 -13.89
N PHE A 197 6.44 35.79 -13.31
CA PHE A 197 6.78 35.59 -11.88
C PHE A 197 8.28 35.79 -11.78
N PRO A 198 8.76 36.41 -10.67
CA PRO A 198 10.20 36.60 -10.46
C PRO A 198 10.95 35.28 -10.28
N GLU A 199 12.13 35.13 -10.90
CA GLU A 199 13.02 33.96 -10.65
C GLU A 199 13.11 33.78 -9.14
N ILE A 200 12.66 32.64 -8.61
CA ILE A 200 12.81 32.30 -7.16
C ILE A 200 14.29 31.97 -6.92
N ASN A 201 14.82 32.42 -5.78
CA ASN A 201 16.25 32.32 -5.39
C ASN A 201 16.50 30.97 -4.69
N GLU A 202 17.08 30.01 -5.41
CA GLU A 202 17.29 28.60 -4.95
C GLU A 202 17.78 28.58 -3.50
N ASN A 203 18.50 29.61 -3.04
CA ASN A 203 19.13 29.64 -1.69
C ASN A 203 18.09 30.04 -0.64
N GLU A 204 17.21 31.02 -0.94
CA GLU A 204 16.25 31.63 0.02
C GLU A 204 15.03 30.71 0.23
N TYR A 205 14.66 29.93 -0.79
CA TYR A 205 13.43 29.13 -0.81
C TYR A 205 13.72 27.69 -1.27
N GLN A 206 12.94 26.73 -0.82
CA GLN A 206 13.08 25.32 -1.22
C GLN A 206 11.72 24.68 -1.31
N ILE A 207 11.58 23.71 -2.21
CA ILE A 207 10.34 22.91 -2.37
C ILE A 207 10.32 21.85 -1.28
N ILE A 208 9.33 21.87 -0.38
CA ILE A 208 9.10 20.81 0.63
C ILE A 208 7.94 19.89 0.23
N SER A 209 7.11 20.23 -0.75
CA SER A 209 5.94 19.39 -1.05
C SER A 209 5.56 19.46 -2.52
N VAL A 210 5.13 18.33 -3.07
CA VAL A 210 4.71 18.14 -4.49
C VAL A 210 3.42 17.33 -4.46
N SER A 211 2.34 17.88 -5.00
CA SER A 211 1.00 17.22 -5.02
C SER A 211 0.93 16.20 -6.15
N ASP A 212 -0.22 15.54 -6.20
CA ASP A 212 -0.67 14.69 -7.33
C ASP A 212 -0.76 15.61 -8.56
N VAL A 213 -0.70 15.00 -9.75
CA VAL A 213 -0.79 15.68 -11.06
C VAL A 213 -2.23 15.53 -11.53
N TYR A 214 -2.78 16.53 -12.24
CA TYR A 214 -4.24 16.61 -12.53
C TYR A 214 -4.41 17.08 -13.97
N THR A 215 -5.55 16.79 -14.58
CA THR A 215 -5.92 17.34 -15.92
C THR A 215 -7.13 18.27 -15.72
N SER A 216 -7.09 19.45 -16.32
CA SER A 216 -8.17 20.47 -16.28
C SER A 216 -8.04 21.40 -17.48
N ASN A 217 -9.09 21.53 -18.27
CA ASN A 217 -9.16 22.53 -19.37
C ASN A 217 -8.02 22.27 -20.37
N ASN A 218 -7.77 20.99 -20.70
CA ASN A 218 -6.82 20.55 -21.77
C ASN A 218 -5.36 20.76 -21.39
N THR A 219 -5.04 20.87 -20.10
CA THR A 219 -3.65 20.94 -19.60
C THR A 219 -3.51 20.05 -18.36
N THR A 220 -2.35 19.44 -18.17
CA THR A 220 -1.92 18.90 -16.86
C THR A 220 -1.34 20.06 -16.05
N LEU A 221 -1.30 19.87 -14.74
CA LEU A 221 -0.90 20.86 -13.72
C LEU A 221 -0.70 20.12 -12.40
N ASP A 222 0.17 20.62 -11.52
CA ASP A 222 0.28 20.11 -10.13
C ASP A 222 0.52 21.30 -9.19
N PHE A 223 0.57 21.05 -7.88
CA PHE A 223 0.73 22.08 -6.82
C PHE A 223 1.98 21.77 -6.00
N ILE A 224 2.88 22.75 -5.93
CA ILE A 224 4.16 22.62 -5.19
C ILE A 224 4.24 23.74 -4.15
N ILE A 225 4.94 23.49 -3.06
CA ILE A 225 5.05 24.43 -1.92
C ILE A 225 6.54 24.70 -1.73
N TYR A 226 6.96 25.95 -1.90
CA TYR A 226 8.30 26.45 -1.51
C TYR A 226 8.22 26.84 -0.03
N LYS A 227 9.28 26.58 0.74
CA LYS A 227 9.43 27.07 2.14
C LYS A 227 10.67 27.94 2.16
N LYS A 228 10.68 28.97 2.98
CA LYS A 228 11.87 29.83 3.25
C LYS A 228 12.92 28.94 3.92
N THR A 229 14.21 29.15 3.67
CA THR A 229 15.31 28.31 4.20
C THR A 229 15.71 28.79 5.62
N ASN A 230 16.92 28.43 6.06
CA ASN A 230 17.33 28.25 7.49
C ASN A 230 18.17 29.43 7.99
N ASN A 231 18.34 29.49 9.32
CA ASN A 231 18.95 30.62 10.10
C ASN A 231 17.87 31.73 10.24
N ASP A 283 -5.73 12.00 23.10
CA ASP A 283 -4.97 11.11 24.03
C ASP A 283 -3.57 10.87 23.44
N ASP A 284 -2.51 11.24 24.18
CA ASP A 284 -1.08 11.02 23.78
C ASP A 284 -0.48 9.79 24.53
N GLU A 285 -1.17 9.29 25.58
CA GLU A 285 -0.99 7.92 26.14
C GLU A 285 -1.47 6.88 25.11
N GLU A 286 -2.00 7.36 23.98
CA GLU A 286 -2.37 6.60 22.74
C GLU A 286 -1.26 6.69 21.68
N GLU A 287 -0.36 7.70 21.77
CA GLU A 287 0.90 7.79 20.97
C GLU A 287 1.95 6.87 21.62
N ASP A 288 1.71 6.45 22.87
CA ASP A 288 2.58 5.53 23.66
C ASP A 288 2.36 4.07 23.21
N ASP A 289 1.13 3.73 22.81
CA ASP A 289 0.73 2.38 22.33
C ASP A 289 1.46 2.09 21.02
N PHE A 290 1.62 3.11 20.18
CA PHE A 290 2.41 3.07 18.91
C PHE A 290 3.82 2.56 19.19
N VAL A 291 4.47 3.04 20.26
CA VAL A 291 5.89 2.69 20.60
C VAL A 291 5.95 1.25 21.11
N TYR A 292 5.00 0.91 21.99
CA TYR A 292 4.79 -0.46 22.52
C TYR A 292 4.67 -1.42 21.33
N PHE A 293 3.90 -1.05 20.30
CA PHE A 293 3.60 -1.96 19.17
C PHE A 293 4.85 -2.13 18.32
N ASN A 294 5.67 -1.11 18.14
CA ASN A 294 6.90 -1.18 17.32
C ASN A 294 8.10 -1.65 18.15
N PHE A 295 7.88 -2.34 19.29
CA PHE A 295 8.95 -2.86 20.20
C PHE A 295 9.87 -3.92 19.54
N ASN A 296 9.55 -4.43 18.34
CA ASN A 296 10.35 -5.52 17.72
C ASN A 296 10.66 -5.13 16.28
N LYS A 297 11.56 -4.17 16.09
CA LYS A 297 12.18 -3.85 14.77
C LYS A 297 13.69 -3.83 14.96
N GLU A 298 14.42 -3.74 13.84
CA GLU A 298 15.91 -3.67 13.80
C GLU A 298 16.35 -2.21 14.08
N LYS A 299 17.64 -2.05 14.45
CA LYS A 299 18.36 -0.77 14.69
C LYS A 299 18.66 -0.03 13.35
N GLU A 300 18.50 -0.72 12.20
CA GLU A 300 18.84 -0.20 10.84
C GLU A 300 18.04 -0.95 9.75
N GLU A 301 17.99 -0.34 8.55
CA GLU A 301 17.67 -1.01 7.25
C GLU A 301 18.92 -1.78 6.76
N LYS A 302 18.74 -3.00 6.23
CA LYS A 302 19.80 -3.99 5.90
C LYS A 302 21.09 -3.32 5.39
N ASN A 303 21.01 -2.51 4.34
CA ASN A 303 22.18 -1.89 3.64
C ASN A 303 22.11 -0.37 3.82
N LYS A 304 21.65 0.11 4.98
CA LYS A 304 21.50 1.55 5.33
C LYS A 304 22.88 2.24 5.25
N ASN A 305 23.84 1.77 6.07
CA ASN A 305 25.27 2.19 6.09
C ASN A 305 25.89 2.01 4.69
N SER A 306 25.47 0.95 3.97
CA SER A 306 25.91 0.58 2.59
C SER A 306 25.63 1.74 1.61
N ILE A 307 24.58 2.54 1.81
CA ILE A 307 24.09 3.59 0.85
C ILE A 307 24.16 5.00 1.50
N HIS A 308 23.81 5.14 2.80
CA HIS A 308 23.82 6.41 3.61
C HIS A 308 22.65 7.32 3.25
N PRO A 309 21.57 7.39 4.07
CA PRO A 309 20.46 8.34 3.85
C PRO A 309 20.86 9.80 3.54
N ASN A 310 21.85 10.33 4.27
CA ASN A 310 22.37 11.72 4.11
C ASN A 310 22.77 12.04 2.66
N ASP A 311 22.75 11.08 1.73
CA ASP A 311 22.99 11.29 0.26
C ASP A 311 21.71 11.74 -0.44
N PHE A 312 20.54 11.31 0.05
CA PHE A 312 19.18 11.69 -0.43
C PHE A 312 18.65 12.87 0.40
N GLN A 313 19.42 13.96 0.43
CA GLN A 313 19.13 15.17 1.25
C GLN A 313 17.82 15.77 0.76
N ILE A 314 17.75 16.11 -0.53
CA ILE A 314 16.55 16.71 -1.17
C ILE A 314 15.36 15.73 -1.02
N TYR A 315 15.53 14.46 -1.37
CA TYR A 315 14.44 13.46 -1.35
C TYR A 315 13.86 13.35 0.07
N ASN A 316 14.70 13.32 1.10
CA ASN A 316 14.22 13.05 2.49
C ASN A 316 13.70 14.35 3.13
N SER A 317 14.09 15.51 2.63
CA SER A 317 13.67 16.84 3.16
C SER A 317 12.20 17.12 2.82
N LEU A 318 11.66 16.56 1.72
CA LEU A 318 10.25 16.79 1.26
C LEU A 318 9.30 16.21 2.31
N LYS A 319 8.21 16.91 2.63
CA LYS A 319 7.20 16.42 3.61
C LYS A 319 6.14 15.63 2.83
N TYR A 320 5.49 16.20 1.82
CA TYR A 320 4.40 15.51 1.08
C TYR A 320 4.85 15.17 -0.33
N LYS A 321 5.01 13.88 -0.63
CA LYS A 321 5.56 13.38 -1.91
C LYS A 321 4.42 12.68 -2.66
N TYR A 322 3.46 13.48 -3.12
CA TYR A 322 2.13 13.03 -3.62
C TYR A 322 2.15 13.01 -5.16
N HIS A 323 3.22 13.47 -5.81
CA HIS A 323 3.44 13.30 -7.27
C HIS A 323 3.47 11.79 -7.55
N PRO A 324 2.80 11.29 -8.62
CA PRO A 324 2.79 9.85 -8.88
C PRO A 324 4.18 9.28 -9.22
N GLU A 325 5.06 10.12 -9.75
CA GLU A 325 6.46 9.70 -10.01
C GLU A 325 7.04 9.12 -8.71
N TYR A 326 6.57 9.51 -7.53
CA TYR A 326 7.17 9.02 -6.25
C TYR A 326 6.90 7.52 -6.08
N GLN A 327 5.85 6.97 -6.69
CA GLN A 327 5.55 5.51 -6.65
C GLN A 327 6.76 4.75 -7.18
N TYR A 328 7.40 5.31 -8.21
CA TYR A 328 8.61 4.74 -8.85
C TYR A 328 9.80 5.10 -7.99
N LEU A 329 10.00 6.39 -7.75
CA LEU A 329 11.12 6.86 -6.91
C LEU A 329 11.12 6.13 -5.55
N ASN A 330 9.96 5.92 -4.92
CA ASN A 330 9.90 5.35 -3.54
C ASN A 330 10.26 3.85 -3.53
N ILE A 331 10.03 3.15 -4.64
CA ILE A 331 10.36 1.71 -4.78
C ILE A 331 11.89 1.60 -4.90
N ILE A 332 12.50 2.48 -5.71
CA ILE A 332 13.98 2.63 -5.82
C ILE A 332 14.55 2.76 -4.39
N TYR A 333 13.99 3.66 -3.59
CA TYR A 333 14.43 3.90 -2.18
C TYR A 333 14.29 2.59 -1.37
N ASP A 334 13.11 1.97 -1.40
CA ASP A 334 12.81 0.77 -0.57
C ASP A 334 13.79 -0.33 -0.91
N ILE A 335 14.13 -0.48 -2.19
CA ILE A 335 15.04 -1.56 -2.66
C ILE A 335 16.44 -1.22 -2.15
N MET A 336 16.88 0.03 -2.33
CA MET A 336 18.24 0.49 -1.91
C MET A 336 18.42 0.27 -0.41
N MET A 337 17.38 0.48 0.40
CA MET A 337 17.55 0.51 1.87
C MET A 337 17.28 -0.89 2.44
N ASN A 338 16.29 -1.63 1.94
CA ASN A 338 15.86 -2.94 2.49
C ASN A 338 16.08 -4.10 1.51
N GLY A 339 16.63 -3.82 0.32
CA GLY A 339 16.88 -4.82 -0.74
C GLY A 339 17.78 -5.95 -0.27
N ASN A 340 17.58 -7.13 -0.83
CA ASN A 340 18.45 -8.30 -0.60
C ASN A 340 19.54 -8.32 -1.68
N LYS A 341 20.80 -8.49 -1.27
CA LYS A 341 21.95 -8.60 -2.20
C LYS A 341 21.96 -10.01 -2.82
N GLN A 342 21.81 -10.12 -4.14
CA GLN A 342 21.81 -11.39 -4.91
C GLN A 342 22.82 -11.27 -6.07
N SER A 343 23.23 -12.39 -6.69
CA SER A 343 24.09 -12.44 -7.91
C SER A 343 23.43 -13.33 -8.98
N ASP A 344 23.18 -12.80 -10.20
CA ASP A 344 22.66 -13.57 -11.38
C ASP A 344 23.80 -14.39 -12.03
N ARG A 345 24.57 -15.15 -11.21
CA ARG A 345 25.76 -15.99 -11.53
C ARG A 345 26.85 -15.21 -12.32
N THR A 346 28.13 -15.46 -11.96
CA THR A 346 29.38 -14.84 -12.52
C THR A 346 29.66 -13.46 -11.89
N GLY A 347 28.77 -12.99 -10.99
CA GLY A 347 28.95 -11.76 -10.20
C GLY A 347 28.47 -10.52 -10.92
N VAL A 348 27.26 -10.56 -11.51
CA VAL A 348 26.63 -9.38 -12.18
C VAL A 348 26.00 -8.49 -11.10
N GLY A 349 25.17 -9.00 -10.19
CA GLY A 349 24.94 -8.42 -8.86
C GLY A 349 23.82 -7.37 -8.77
N VAL A 350 22.82 -7.59 -7.89
CA VAL A 350 21.62 -6.71 -7.75
C VAL A 350 21.20 -6.59 -6.29
N LEU A 351 20.46 -5.53 -5.97
CA LEU A 351 19.53 -5.48 -4.81
C LEU A 351 18.13 -5.81 -5.32
N SER A 352 17.47 -6.81 -4.73
CA SER A 352 16.14 -7.32 -5.15
C SER A 352 15.16 -7.27 -3.98
N LYS A 353 13.88 -7.08 -4.29
CA LYS A 353 12.74 -7.32 -3.39
C LYS A 353 11.62 -7.89 -4.25
N PHE A 354 10.50 -8.27 -3.65
CA PHE A 354 9.51 -9.12 -4.35
C PHE A 354 8.10 -8.59 -4.12
N GLY A 355 7.47 -8.06 -5.16
CA GLY A 355 6.02 -7.78 -5.15
C GLY A 355 5.72 -6.36 -4.69
N TYR A 356 5.47 -5.48 -5.66
CA TYR A 356 5.13 -4.06 -5.48
C TYR A 356 4.04 -3.77 -6.49
N ILE A 357 3.20 -2.77 -6.22
CA ILE A 357 2.12 -2.37 -7.16
C ILE A 357 2.20 -0.86 -7.32
N MET A 358 2.36 -0.36 -8.55
CA MET A 358 2.18 1.08 -8.89
C MET A 358 0.85 1.23 -9.65
N LYS A 359 0.20 2.41 -9.56
CA LYS A 359 -1.08 2.77 -10.20
C LYS A 359 -0.95 4.18 -10.75
N PHE A 360 -1.24 4.36 -12.03
CA PHE A 360 -1.21 5.67 -12.71
C PHE A 360 -2.58 5.97 -13.30
N ASP A 361 -3.03 7.22 -13.14
CA ASP A 361 -4.36 7.71 -13.62
C ASP A 361 -4.16 8.35 -15.00
N LEU A 362 -4.31 7.54 -16.04
CA LEU A 362 -4.15 7.95 -17.47
C LEU A 362 -5.18 9.02 -17.87
N SER A 363 -6.31 9.14 -17.16
CA SER A 363 -7.30 10.21 -17.40
C SER A 363 -6.71 11.56 -16.98
N GLN A 364 -5.77 11.56 -16.03
CA GLN A 364 -5.22 12.80 -15.40
C GLN A 364 -3.84 13.17 -16.01
N TYR A 365 -3.06 12.21 -16.49
CA TYR A 365 -1.71 12.49 -17.05
C TYR A 365 -1.20 11.27 -17.79
N PHE A 366 -0.14 11.45 -18.59
CA PHE A 366 0.68 10.34 -19.13
C PHE A 366 1.94 10.20 -18.29
N PRO A 367 2.19 9.05 -17.62
CA PRO A 367 3.29 8.93 -16.65
C PRO A 367 4.66 8.60 -17.27
N LEU A 368 5.19 9.49 -18.11
CA LEU A 368 6.58 9.43 -18.61
C LEU A 368 7.47 10.10 -17.57
N LEU A 369 8.31 9.34 -16.89
CA LEU A 369 9.23 9.86 -15.83
C LEU A 369 9.85 11.19 -16.27
N THR A 370 9.86 12.16 -15.37
CA THR A 370 10.30 13.54 -15.63
C THR A 370 11.61 13.80 -14.90
N THR A 371 12.08 12.81 -14.15
CA THR A 371 13.28 12.97 -13.29
C THR A 371 14.50 12.47 -14.08
N LYS A 372 14.31 12.16 -15.37
CA LYS A 372 15.38 11.98 -16.38
C LYS A 372 14.73 11.99 -17.75
N LYS A 373 15.50 12.16 -18.83
CA LYS A 373 14.95 12.31 -20.21
C LYS A 373 14.69 10.91 -20.79
N LEU A 374 13.55 10.75 -21.44
CA LEU A 374 13.14 9.51 -22.16
C LEU A 374 12.57 9.88 -23.53
N PHE A 375 13.01 9.19 -24.60
CA PHE A 375 12.44 9.26 -25.97
C PHE A 375 11.51 8.07 -26.13
N LEU A 376 10.41 8.21 -26.86
CA LEU A 376 9.38 7.13 -26.91
C LEU A 376 9.20 6.56 -28.30
N ARG A 377 9.95 7.03 -29.31
CA ARG A 377 9.82 6.51 -30.69
C ARG A 377 10.02 4.98 -30.69
N GLY A 378 11.19 4.51 -30.23
CA GLY A 378 11.51 3.07 -30.17
C GLY A 378 10.36 2.30 -29.57
N ILE A 379 9.96 2.69 -28.37
CA ILE A 379 8.90 2.06 -27.54
C ILE A 379 7.61 1.95 -28.34
N ILE A 380 7.18 3.01 -29.02
CA ILE A 380 5.93 2.99 -29.83
C ILE A 380 6.14 2.04 -31.03
N GLU A 381 7.32 2.08 -31.65
CA GLU A 381 7.69 1.25 -32.83
C GLU A 381 7.64 -0.24 -32.42
N GLU A 382 8.24 -0.61 -31.29
CA GLU A 382 8.16 -1.97 -30.68
C GLU A 382 6.69 -2.41 -30.59
N LEU A 383 5.79 -1.53 -30.15
CA LEU A 383 4.39 -1.87 -29.81
C LEU A 383 3.60 -2.10 -31.10
N LEU A 384 3.74 -1.21 -32.07
CA LEU A 384 3.16 -1.40 -33.42
C LEU A 384 3.63 -2.76 -33.98
N TRP A 385 4.89 -3.06 -33.83
CA TRP A 385 5.54 -4.33 -34.23
C TRP A 385 4.82 -5.51 -33.57
N PHE A 386 4.60 -5.47 -32.26
CA PHE A 386 3.86 -6.52 -31.49
C PHE A 386 2.49 -6.75 -32.13
N ILE A 387 1.75 -5.65 -32.29
CA ILE A 387 0.33 -5.65 -32.76
C ILE A 387 0.23 -6.30 -34.14
N ARG A 388 1.15 -6.01 -35.07
CA ARG A 388 1.25 -6.64 -36.42
C ARG A 388 1.56 -8.14 -36.32
N GLY A 389 1.95 -8.64 -35.14
CA GLY A 389 2.28 -10.05 -34.89
C GLY A 389 3.71 -10.40 -35.30
N GLU A 390 4.52 -9.43 -35.71
CA GLU A 390 5.90 -9.64 -36.21
C GLU A 390 6.79 -10.21 -35.10
N THR A 391 7.80 -10.97 -35.50
CA THR A 391 8.87 -11.55 -34.65
C THR A 391 10.24 -11.22 -35.24
N ASN A 392 10.27 -10.35 -36.25
CA ASN A 392 11.46 -10.11 -37.12
C ASN A 392 12.25 -8.87 -36.68
N GLY A 393 13.45 -9.07 -36.15
CA GLY A 393 14.25 -7.99 -35.54
C GLY A 393 14.61 -6.93 -36.56
N ASN A 394 14.85 -7.34 -37.80
CA ASN A 394 15.30 -6.45 -38.90
C ASN A 394 14.27 -5.34 -39.14
N THR A 395 12.97 -5.62 -39.08
CA THR A 395 11.92 -4.58 -39.25
C THR A 395 12.19 -3.40 -38.32
N LEU A 396 12.67 -3.66 -37.08
CA LEU A 396 12.99 -2.64 -36.06
C LEU A 396 14.35 -2.01 -36.38
N LEU A 397 15.37 -2.83 -36.64
CA LEU A 397 16.74 -2.35 -36.97
C LEU A 397 16.71 -1.40 -38.18
N ASN A 398 15.79 -1.60 -39.12
CA ASN A 398 15.64 -0.73 -40.33
C ASN A 398 14.90 0.54 -39.95
N LYS A 399 14.29 0.56 -38.77
CA LYS A 399 13.64 1.77 -38.19
C LYS A 399 14.61 2.39 -37.17
N ASN A 400 15.80 1.83 -37.07
CA ASN A 400 16.87 2.43 -36.23
C ASN A 400 16.45 2.31 -34.76
N VAL A 401 15.88 1.16 -34.40
CA VAL A 401 15.41 0.79 -33.03
C VAL A 401 16.13 -0.51 -32.64
N ARG A 402 16.97 -0.43 -31.61
CA ARG A 402 17.99 -1.46 -31.27
C ARG A 402 17.57 -2.22 -30.02
N ILE A 403 16.31 -2.09 -29.59
CA ILE A 403 15.80 -2.71 -28.34
C ILE A 403 16.16 -4.21 -28.35
N TRP A 404 15.96 -4.88 -29.47
CA TRP A 404 16.05 -6.36 -29.63
C TRP A 404 17.34 -6.76 -30.36
N GLU A 405 18.25 -5.81 -30.59
CA GLU A 405 19.49 -6.07 -31.34
C GLU A 405 20.35 -7.09 -30.57
N ALA A 406 20.68 -6.82 -29.32
CA ALA A 406 21.56 -7.70 -28.52
C ALA A 406 20.98 -9.13 -28.52
N ASN A 407 19.66 -9.25 -28.36
CA ASN A 407 18.94 -10.53 -28.15
C ASN A 407 18.79 -11.32 -29.46
N GLY A 408 19.16 -10.77 -30.62
CA GLY A 408 18.94 -11.37 -31.95
C GLY A 408 20.22 -11.88 -32.58
N THR A 409 21.32 -11.83 -31.81
CA THR A 409 22.71 -12.09 -32.28
C THR A 409 22.93 -13.58 -32.47
N ARG A 410 23.92 -13.92 -33.30
CA ARG A 410 24.42 -15.31 -33.49
C ARG A 410 24.93 -15.78 -32.12
N GLU A 411 25.87 -15.05 -31.50
CA GLU A 411 26.39 -15.33 -30.14
C GLU A 411 25.19 -15.48 -29.21
N PHE A 412 24.25 -14.55 -29.17
CA PHE A 412 23.16 -14.60 -28.16
C PHE A 412 22.23 -15.80 -28.40
N LEU A 413 21.79 -16.05 -29.65
CA LEU A 413 20.86 -17.15 -30.01
C LEU A 413 21.52 -18.51 -29.74
N ASP A 414 22.78 -18.66 -30.15
CA ASP A 414 23.61 -19.86 -29.86
C ASP A 414 23.67 -20.07 -28.35
N ASN A 415 23.78 -19.01 -27.54
CA ASN A 415 23.84 -19.18 -26.06
C ASN A 415 22.48 -19.67 -25.55
N ARG A 416 21.37 -19.29 -26.18
CA ARG A 416 20.03 -19.86 -25.84
C ARG A 416 19.80 -21.20 -26.54
N LYS A 417 20.84 -21.79 -27.10
CA LYS A 417 20.80 -23.12 -27.73
C LYS A 417 19.83 -23.08 -28.91
N LEU A 418 19.57 -21.89 -29.46
CA LEU A 418 18.74 -21.72 -30.66
C LEU A 418 19.62 -21.75 -31.92
N PHE A 419 20.26 -22.90 -32.17
CA PHE A 419 21.31 -23.09 -33.20
C PHE A 419 20.70 -23.10 -34.61
N HIS A 420 19.39 -23.37 -34.73
CA HIS A 420 18.69 -23.46 -36.04
C HIS A 420 17.84 -22.20 -36.24
N ARG A 421 18.22 -21.08 -35.63
CA ARG A 421 17.43 -19.83 -35.66
C ARG A 421 18.24 -18.75 -36.39
N GLU A 422 17.70 -18.20 -37.49
CA GLU A 422 18.32 -17.10 -38.28
C GLU A 422 18.66 -15.94 -37.36
N VAL A 423 19.67 -15.16 -37.69
CA VAL A 423 20.03 -13.92 -36.94
C VAL A 423 18.85 -12.93 -37.00
N ASN A 424 18.56 -12.28 -35.86
CA ASN A 424 17.39 -11.40 -35.61
C ASN A 424 16.04 -12.11 -35.84
N ASP A 425 15.98 -13.44 -35.75
CA ASP A 425 14.69 -14.18 -35.65
C ASP A 425 14.47 -14.47 -34.17
N LEU A 426 13.63 -13.69 -33.50
CA LEU A 426 13.52 -13.72 -32.02
C LEU A 426 12.59 -14.84 -31.59
N GLY A 427 11.96 -15.50 -32.58
CA GLY A 427 11.07 -16.66 -32.40
C GLY A 427 9.72 -16.25 -31.85
N PRO A 428 8.98 -17.14 -31.15
CA PRO A 428 7.60 -16.89 -30.76
C PRO A 428 7.52 -16.01 -29.52
N ILE A 429 7.76 -14.71 -29.72
CA ILE A 429 7.69 -13.71 -28.62
C ILE A 429 6.37 -12.98 -28.75
N TYR A 430 6.17 -11.97 -27.91
CA TYR A 430 4.90 -11.24 -27.70
C TYR A 430 4.05 -11.22 -28.97
N GLY A 431 4.65 -10.79 -30.07
CA GLY A 431 3.91 -10.57 -31.34
C GLY A 431 3.20 -11.84 -31.78
N PHE A 432 3.98 -12.91 -31.92
CA PHE A 432 3.50 -14.27 -32.24
C PHE A 432 2.40 -14.69 -31.26
N GLN A 433 2.60 -14.52 -29.95
CA GLN A 433 1.64 -15.00 -28.90
C GLN A 433 0.35 -14.16 -28.92
N TRP A 434 0.45 -12.85 -29.12
CA TRP A 434 -0.74 -11.96 -29.11
C TRP A 434 -1.71 -12.34 -30.25
N ARG A 435 -1.20 -12.83 -31.38
CA ARG A 435 -2.02 -13.11 -32.59
C ARG A 435 -2.07 -14.59 -33.01
N HIS A 436 -1.25 -15.48 -32.43
CA HIS A 436 -1.10 -16.88 -32.92
C HIS A 436 -0.81 -17.86 -31.77
N PHE A 437 -0.99 -17.50 -30.49
CA PHE A 437 -0.68 -18.37 -29.32
C PHE A 437 -1.23 -19.78 -29.59
N GLY A 438 -0.36 -20.78 -29.54
CA GLY A 438 -0.70 -22.19 -29.78
C GLY A 438 -0.19 -22.72 -31.12
N ALA A 439 -0.06 -21.88 -32.15
CA ALA A 439 0.45 -22.30 -33.48
C ALA A 439 1.90 -22.75 -33.27
N GLU A 440 2.39 -23.73 -34.03
CA GLU A 440 3.82 -24.15 -33.91
C GLU A 440 4.60 -23.11 -34.70
N TYR A 441 5.58 -22.47 -34.08
CA TYR A 441 6.38 -21.40 -34.69
C TYR A 441 7.28 -22.03 -35.76
N THR A 442 7.28 -21.50 -36.99
CA THR A 442 8.24 -21.90 -38.06
C THR A 442 9.40 -20.90 -38.08
N ASN A 443 9.17 -19.66 -38.51
CA ASN A 443 10.24 -18.66 -38.71
C ASN A 443 9.64 -17.24 -38.80
N MET A 444 10.50 -16.25 -38.64
CA MET A 444 10.24 -14.81 -38.93
C MET A 444 9.19 -14.62 -40.05
N TYR A 445 9.34 -15.29 -41.19
CA TYR A 445 8.74 -14.82 -42.48
C TYR A 445 7.36 -15.47 -42.71
N ASP A 446 7.05 -16.59 -42.06
CA ASP A 446 5.78 -17.36 -42.26
C ASP A 446 4.63 -16.49 -41.78
N ASN A 447 3.68 -16.17 -42.67
CA ASN A 447 2.40 -15.50 -42.34
C ASN A 447 1.53 -16.62 -41.78
N TYR A 448 1.23 -16.58 -40.48
CA TYR A 448 0.62 -17.71 -39.74
C TYR A 448 -0.90 -17.57 -39.77
N GLU A 449 -1.47 -17.55 -40.98
CA GLU A 449 -2.87 -17.10 -41.21
C GLU A 449 -3.82 -18.11 -40.58
N ASN A 450 -4.79 -17.56 -39.84
CA ASN A 450 -5.90 -18.28 -39.16
C ASN A 450 -5.32 -19.50 -38.47
N LYS A 451 -4.26 -19.29 -37.69
CA LYS A 451 -3.57 -20.33 -36.88
C LYS A 451 -3.34 -19.81 -35.46
N GLY A 452 -3.49 -20.68 -34.48
CA GLY A 452 -3.42 -20.31 -33.06
C GLY A 452 -4.57 -19.40 -32.67
N VAL A 453 -4.67 -19.09 -31.38
CA VAL A 453 -5.65 -18.10 -30.85
C VAL A 453 -5.09 -16.70 -31.07
N ASP A 454 -5.88 -15.86 -31.71
CA ASP A 454 -5.65 -14.39 -31.84
C ASP A 454 -6.28 -13.71 -30.62
N GLN A 455 -5.55 -13.68 -29.49
CA GLN A 455 -6.12 -13.27 -28.18
C GLN A 455 -6.28 -11.75 -28.18
N LEU A 456 -5.56 -11.02 -29.04
CA LEU A 456 -5.70 -9.54 -29.17
C LEU A 456 -7.12 -9.20 -29.65
N LYS A 457 -7.56 -9.81 -30.75
CA LYS A 457 -8.93 -9.61 -31.33
C LYS A 457 -9.97 -10.08 -30.33
N ASN A 458 -9.71 -11.20 -29.65
CA ASN A 458 -10.61 -11.78 -28.62
C ASN A 458 -10.81 -10.81 -27.45
N ILE A 459 -9.77 -10.11 -26.99
CA ILE A 459 -9.90 -9.21 -25.80
C ILE A 459 -10.52 -7.91 -26.25
N ILE A 460 -10.29 -7.51 -27.48
CA ILE A 460 -10.96 -6.29 -28.02
C ILE A 460 -12.46 -6.58 -28.16
N ASN A 461 -12.87 -7.81 -28.51
CA ASN A 461 -14.30 -8.21 -28.58
C ASN A 461 -14.89 -8.33 -27.16
N LEU A 462 -14.22 -9.01 -26.23
CA LEU A 462 -14.68 -9.10 -24.82
C LEU A 462 -14.99 -7.67 -24.32
N ILE A 463 -14.10 -6.70 -24.57
CA ILE A 463 -14.23 -5.33 -24.01
C ILE A 463 -15.48 -4.67 -24.62
N LYS A 464 -15.69 -4.77 -25.93
CA LYS A 464 -16.84 -4.03 -26.52
C LYS A 464 -18.14 -4.79 -26.26
N ASN A 465 -18.13 -6.13 -26.11
CA ASN A 465 -19.39 -6.93 -26.05
C ASN A 465 -19.68 -7.58 -24.69
N ASP A 466 -18.68 -7.83 -23.86
CA ASP A 466 -18.86 -8.53 -22.56
C ASP A 466 -18.00 -7.76 -21.55
N PRO A 467 -18.19 -6.43 -21.44
CA PRO A 467 -17.26 -5.57 -20.70
C PRO A 467 -17.04 -5.89 -19.21
N THR A 468 -17.90 -6.71 -18.59
CA THR A 468 -17.90 -7.07 -17.14
C THR A 468 -17.27 -8.44 -16.97
N SER A 469 -16.73 -9.01 -18.05
CA SER A 469 -16.03 -10.31 -18.02
C SER A 469 -14.80 -10.13 -17.14
N ARG A 470 -14.44 -11.19 -16.43
CA ARG A 470 -13.28 -11.20 -15.53
C ARG A 470 -12.22 -12.08 -16.17
N ARG A 471 -12.33 -12.24 -17.49
CA ARG A 471 -11.56 -13.20 -18.31
C ARG A 471 -10.89 -12.47 -19.48
N ILE A 472 -10.82 -11.14 -19.42
CA ILE A 472 -10.17 -10.28 -20.46
C ILE A 472 -8.67 -10.20 -20.12
N LEU A 473 -7.93 -11.27 -20.38
CA LEU A 473 -6.46 -11.29 -20.21
C LEU A 473 -5.78 -11.49 -21.56
N LEU A 474 -4.58 -10.96 -21.64
CA LEU A 474 -3.67 -11.09 -22.80
C LEU A 474 -2.38 -11.70 -22.27
N CYS A 475 -2.13 -12.99 -22.50
CA CYS A 475 -0.95 -13.71 -21.95
C CYS A 475 0.16 -13.89 -23.01
N ALA A 476 1.37 -13.45 -22.67
CA ALA A 476 2.62 -13.58 -23.48
C ALA A 476 3.38 -14.85 -23.10
N TRP A 477 3.21 -15.32 -21.85
CA TRP A 477 3.97 -16.44 -21.24
C TRP A 477 3.34 -17.75 -21.68
N ASN A 478 3.75 -18.22 -22.86
CA ASN A 478 3.36 -19.51 -23.48
C ASN A 478 4.44 -20.53 -23.14
N VAL A 479 4.16 -21.34 -22.14
CA VAL A 479 5.08 -22.30 -21.49
C VAL A 479 5.68 -23.27 -22.53
N LYS A 480 4.87 -23.69 -23.52
CA LYS A 480 5.25 -24.57 -24.65
C LYS A 480 6.46 -23.96 -25.35
N ASP A 481 6.47 -22.63 -25.49
CA ASP A 481 7.27 -21.91 -26.51
C ASP A 481 8.49 -21.28 -25.86
N LEU A 482 8.49 -21.08 -24.53
CA LEU A 482 9.53 -20.35 -23.74
C LEU A 482 10.96 -20.63 -24.29
N ASP A 483 11.35 -21.90 -24.43
CA ASP A 483 12.76 -22.30 -24.71
C ASP A 483 13.12 -21.92 -26.14
N GLN A 484 12.12 -21.68 -27.00
CA GLN A 484 12.23 -21.34 -28.44
C GLN A 484 12.31 -19.82 -28.61
N MET A 485 11.95 -19.06 -27.55
CA MET A 485 11.96 -17.58 -27.59
C MET A 485 13.39 -17.11 -27.43
N ALA A 486 13.76 -15.95 -27.96
CA ALA A 486 15.08 -15.35 -27.67
C ALA A 486 15.18 -15.09 -26.17
N LEU A 487 14.04 -14.80 -25.54
CA LEU A 487 13.96 -14.43 -24.11
C LEU A 487 12.54 -14.73 -23.68
N PRO A 488 12.31 -15.39 -22.52
CA PRO A 488 10.96 -15.52 -22.00
C PRO A 488 10.46 -14.09 -21.74
N PRO A 489 9.16 -13.82 -21.94
CA PRO A 489 8.64 -12.48 -21.76
C PRO A 489 8.79 -11.99 -20.30
N CYS A 490 9.30 -10.76 -20.11
CA CYS A 490 9.30 -10.02 -18.82
C CYS A 490 7.86 -9.64 -18.43
N HIS A 491 7.06 -9.21 -19.41
CA HIS A 491 5.66 -8.77 -19.22
C HIS A 491 4.75 -9.97 -19.45
N ILE A 492 4.26 -10.56 -18.36
CA ILE A 492 3.56 -11.88 -18.37
C ILE A 492 2.19 -11.71 -19.02
N LEU A 493 1.37 -10.80 -18.50
CA LEU A 493 -0.03 -10.67 -18.95
C LEU A 493 -0.49 -9.25 -18.70
N CYS A 494 -1.51 -8.84 -19.44
CA CYS A 494 -2.41 -7.69 -19.18
C CYS A 494 -3.78 -8.23 -18.85
N GLN A 495 -4.44 -7.70 -17.82
CA GLN A 495 -5.89 -7.89 -17.59
C GLN A 495 -6.59 -6.54 -17.75
N PHE A 496 -7.79 -6.51 -18.33
CA PHE A 496 -8.58 -5.26 -18.44
C PHE A 496 -9.82 -5.34 -17.56
N TYR A 497 -10.38 -4.16 -17.33
CA TYR A 497 -11.51 -3.89 -16.41
C TYR A 497 -12.22 -2.64 -16.93
N VAL A 498 -13.51 -2.78 -17.24
CA VAL A 498 -14.37 -1.69 -17.78
C VAL A 498 -15.40 -1.33 -16.71
N PHE A 499 -15.58 -0.06 -16.42
CA PHE A 499 -16.64 0.44 -15.51
C PHE A 499 -17.03 1.83 -15.99
N ASP A 500 -18.32 2.03 -16.25
CA ASP A 500 -18.87 3.38 -16.58
C ASP A 500 -18.13 3.92 -17.81
N GLY A 501 -18.03 3.11 -18.85
CA GLY A 501 -17.31 3.37 -20.11
C GLY A 501 -15.87 3.84 -19.93
N LYS A 502 -15.15 3.38 -18.90
CA LYS A 502 -13.70 3.66 -18.69
C LYS A 502 -12.93 2.33 -18.54
N LEU A 503 -11.73 2.25 -19.10
CA LEU A 503 -10.90 1.01 -19.16
C LEU A 503 -9.66 1.13 -18.28
N SER A 504 -9.43 0.15 -17.42
CA SER A 504 -8.19 0.06 -16.61
C SER A 504 -7.45 -1.21 -17.00
N CYS A 505 -6.13 -1.19 -16.87
CA CYS A 505 -5.22 -2.27 -17.28
C CYS A 505 -4.24 -2.60 -16.16
N ILE A 506 -4.21 -3.85 -15.73
CA ILE A 506 -3.14 -4.41 -14.84
C ILE A 506 -2.15 -5.10 -15.77
N MET A 507 -0.84 -4.88 -15.65
CA MET A 507 0.08 -5.87 -16.25
C MET A 507 1.08 -6.32 -15.20
N TYR A 508 1.38 -7.62 -15.22
CA TYR A 508 2.20 -8.34 -14.23
C TYR A 508 3.57 -8.57 -14.85
N GLN A 509 4.60 -8.02 -14.22
CA GLN A 509 5.98 -8.09 -14.74
C GLN A 509 6.80 -8.99 -13.80
N ARG A 510 7.39 -10.07 -14.31
CA ARG A 510 8.07 -11.10 -13.48
C ARG A 510 9.45 -10.58 -13.06
N SER A 511 10.12 -9.88 -13.97
CA SER A 511 11.48 -9.32 -13.79
C SER A 511 11.48 -7.85 -14.19
N CYS A 512 11.97 -6.99 -13.31
CA CYS A 512 11.78 -5.51 -13.35
C CYS A 512 13.15 -4.88 -13.09
N ASP A 513 13.80 -4.34 -14.12
CA ASP A 513 15.03 -3.52 -13.99
C ASP A 513 14.59 -2.10 -13.64
N LEU A 514 14.68 -1.73 -12.37
CA LEU A 514 14.12 -0.45 -11.89
C LEU A 514 14.81 0.77 -12.54
N GLY A 515 16.13 0.76 -12.70
CA GLY A 515 16.88 1.91 -13.24
C GLY A 515 16.64 2.16 -14.73
N LEU A 516 16.53 1.10 -15.52
CA LEU A 516 16.68 1.19 -16.99
C LEU A 516 15.42 0.73 -17.72
N GLY A 517 14.81 -0.38 -17.30
CA GLY A 517 13.72 -1.08 -18.04
C GLY A 517 12.33 -0.55 -17.68
N VAL A 518 12.07 -0.39 -16.38
CA VAL A 518 10.72 -0.05 -15.84
C VAL A 518 10.25 1.28 -16.46
N PRO A 519 11.02 2.39 -16.41
CA PRO A 519 10.55 3.64 -16.96
C PRO A 519 9.93 3.49 -18.37
N PHE A 520 10.52 2.66 -19.22
CA PHE A 520 10.01 2.39 -20.59
C PHE A 520 8.78 1.48 -20.52
N ASN A 521 8.79 0.48 -19.63
CA ASN A 521 7.66 -0.47 -19.40
C ASN A 521 6.37 0.29 -19.02
N ILE A 522 6.46 1.29 -18.12
CA ILE A 522 5.29 2.12 -17.68
C ILE A 522 4.71 2.81 -18.91
N ALA A 523 5.56 3.36 -19.77
CA ALA A 523 5.17 4.04 -21.02
C ALA A 523 4.50 3.05 -22.00
N SER A 524 5.15 1.94 -22.28
CA SER A 524 4.62 0.91 -23.21
C SER A 524 3.16 0.62 -22.85
N TYR A 525 2.91 0.26 -21.58
CA TYR A 525 1.61 -0.37 -21.21
C TYR A 525 0.57 0.73 -20.97
N SER A 526 1.01 1.95 -20.64
CA SER A 526 0.17 3.17 -20.60
C SER A 526 -0.33 3.52 -22.01
N ILE A 527 0.52 3.44 -23.04
CA ILE A 527 0.13 3.75 -24.45
C ILE A 527 -0.81 2.66 -24.95
N PHE A 528 -0.47 1.40 -24.69
CA PHE A 528 -1.27 0.24 -25.11
C PHE A 528 -2.68 0.41 -24.54
N THR A 529 -2.77 0.83 -23.28
CA THR A 529 -4.06 1.05 -22.59
C THR A 529 -4.90 2.05 -23.38
N HIS A 530 -4.30 3.18 -23.79
CA HIS A 530 -4.99 4.26 -24.57
C HIS A 530 -5.48 3.69 -25.90
N MET A 531 -4.60 2.97 -26.58
CA MET A 531 -4.88 2.39 -27.91
C MET A 531 -6.15 1.51 -27.84
N ILE A 532 -6.21 0.61 -26.87
CA ILE A 532 -7.31 -0.36 -26.66
C ILE A 532 -8.57 0.39 -26.27
N ALA A 533 -8.44 1.33 -25.32
CA ALA A 533 -9.54 2.19 -24.83
C ALA A 533 -10.25 2.87 -26.03
N GLN A 534 -9.48 3.45 -26.96
CA GLN A 534 -10.00 4.22 -28.13
C GLN A 534 -10.74 3.32 -29.11
N VAL A 535 -10.09 2.25 -29.51
CA VAL A 535 -10.58 1.25 -30.48
C VAL A 535 -11.86 0.58 -29.94
N CYS A 536 -12.11 0.59 -28.62
CA CYS A 536 -13.33 0.01 -27.98
C CYS A 536 -14.30 1.12 -27.53
N ASN A 537 -14.00 2.39 -27.82
CA ASN A 537 -14.85 3.59 -27.55
C ASN A 537 -15.07 3.69 -26.04
N LEU A 538 -13.95 3.77 -25.31
CA LEU A 538 -13.88 3.95 -23.84
C LEU A 538 -12.89 5.07 -23.51
N GLN A 539 -12.96 5.57 -22.29
CA GLN A 539 -11.96 6.50 -21.73
C GLN A 539 -10.89 5.63 -21.07
N PRO A 540 -9.59 6.03 -21.13
CA PRO A 540 -8.58 5.41 -20.30
C PRO A 540 -8.76 5.88 -18.85
N ALA A 541 -8.69 4.94 -17.90
CA ALA A 541 -8.66 5.21 -16.45
C ALA A 541 -7.28 4.81 -15.89
N GLN A 542 -7.14 3.61 -15.32
CA GLN A 542 -5.89 3.28 -14.57
C GLN A 542 -5.02 2.32 -15.39
N PHE A 543 -3.71 2.58 -15.42
CA PHE A 543 -2.65 1.57 -15.70
C PHE A 543 -2.07 1.16 -14.37
N ILE A 544 -2.14 -0.12 -14.04
CA ILE A 544 -1.71 -0.68 -12.72
C ILE A 544 -0.55 -1.63 -12.99
N HIS A 545 0.62 -1.34 -12.42
CA HIS A 545 1.89 -2.08 -12.67
C HIS A 545 2.23 -2.94 -11.46
N VAL A 546 2.14 -4.26 -11.61
CA VAL A 546 2.44 -5.26 -10.56
C VAL A 546 3.86 -5.79 -10.81
N LEU A 547 4.78 -5.39 -9.94
CA LEU A 547 6.22 -5.77 -9.96
C LEU A 547 6.37 -7.08 -9.18
N GLY A 548 6.92 -8.11 -9.81
CA GLY A 548 7.32 -9.35 -9.14
C GLY A 548 8.71 -9.20 -8.57
N ASN A 549 9.71 -9.70 -9.30
CA ASN A 549 11.13 -9.55 -8.88
C ASN A 549 11.61 -8.15 -9.24
N ALA A 550 11.64 -7.24 -8.26
CA ALA A 550 12.03 -5.83 -8.42
C ALA A 550 13.50 -5.70 -8.02
N HIS A 551 14.36 -5.34 -8.96
CA HIS A 551 15.82 -5.29 -8.72
C HIS A 551 16.40 -4.00 -9.31
N VAL A 552 17.28 -3.36 -8.53
CA VAL A 552 18.26 -2.31 -8.95
C VAL A 552 19.65 -2.96 -9.12
N TYR A 553 20.27 -2.86 -10.31
CA TYR A 553 21.66 -3.31 -10.55
C TYR A 553 22.64 -2.43 -9.76
N ASN A 554 23.69 -3.01 -9.16
CA ASN A 554 24.69 -2.26 -8.37
C ASN A 554 25.31 -1.16 -9.23
N ASN A 555 25.48 -1.37 -10.54
CA ASN A 555 25.98 -0.34 -11.50
C ASN A 555 25.10 0.92 -11.50
N HIS A 556 23.84 0.78 -11.14
CA HIS A 556 22.81 1.83 -11.36
C HIS A 556 22.70 2.72 -10.11
N ILE A 557 23.25 2.30 -8.97
CA ILE A 557 23.04 2.94 -7.63
C ILE A 557 23.49 4.42 -7.64
N ASP A 558 24.72 4.72 -8.06
CA ASP A 558 25.24 6.12 -8.09
C ASP A 558 24.26 7.02 -8.85
N SER A 559 23.88 6.63 -10.06
CA SER A 559 22.95 7.39 -10.95
C SER A 559 21.57 7.54 -10.33
N LEU A 560 21.00 6.47 -9.76
CA LEU A 560 19.64 6.51 -9.16
C LEU A 560 19.62 7.51 -8.00
N LYS A 561 20.63 7.46 -7.11
CA LYS A 561 20.87 8.41 -6.00
C LYS A 561 20.73 9.83 -6.52
N ILE A 562 21.27 10.11 -7.70
CA ILE A 562 21.19 11.46 -8.34
C ILE A 562 19.70 11.71 -8.69
N GLN A 563 19.07 10.72 -9.32
CA GLN A 563 17.67 10.80 -9.79
C GLN A 563 16.76 10.98 -8.59
N LEU A 564 16.99 10.26 -7.50
CA LEU A 564 16.11 10.34 -6.29
C LEU A 564 16.06 11.78 -5.78
N ASN A 565 17.12 12.57 -5.95
CA ASN A 565 17.20 13.94 -5.38
C ASN A 565 16.68 14.99 -6.34
N ARG A 566 16.16 14.59 -7.49
CA ARG A 566 15.54 15.51 -8.46
C ARG A 566 14.03 15.52 -8.21
N ILE A 567 13.43 16.71 -8.22
CA ILE A 567 11.97 16.90 -7.98
C ILE A 567 11.22 16.78 -9.31
N PRO A 568 10.27 15.84 -9.41
CA PRO A 568 9.50 15.68 -10.63
C PRO A 568 8.87 16.98 -11.13
N TYR A 569 8.65 17.04 -12.44
CA TYR A 569 7.83 18.07 -13.13
C TYR A 569 6.44 17.49 -13.36
N PRO A 570 5.42 18.33 -13.54
CA PRO A 570 4.11 17.80 -13.89
C PRO A 570 4.32 16.92 -15.13
N PHE A 571 3.77 15.71 -15.10
CA PHE A 571 3.75 14.77 -16.24
C PHE A 571 3.22 15.43 -17.51
N PRO A 572 3.61 14.91 -18.69
CA PRO A 572 3.01 15.33 -19.96
C PRO A 572 1.65 14.66 -20.21
N THR A 573 1.01 14.99 -21.34
CA THR A 573 -0.18 14.27 -21.89
C THR A 573 0.23 13.46 -23.13
N LEU A 574 -0.61 12.51 -23.52
CA LEU A 574 -0.49 11.72 -24.76
C LEU A 574 -1.73 12.00 -25.57
N LYS A 575 -1.56 12.31 -26.86
CA LYS A 575 -2.71 12.37 -27.80
C LYS A 575 -2.50 11.36 -28.92
N LEU A 576 -3.53 10.53 -29.06
CA LEU A 576 -3.74 9.58 -30.18
C LEU A 576 -4.50 10.33 -31.26
N ASN A 577 -4.20 10.06 -32.53
CA ASN A 577 -5.09 10.42 -33.68
C ASN A 577 -6.46 9.81 -33.42
N PRO A 578 -7.53 10.60 -33.25
CA PRO A 578 -8.83 10.05 -32.86
C PRO A 578 -9.53 9.22 -33.96
N ASP A 579 -9.12 9.36 -35.21
CA ASP A 579 -9.71 8.63 -36.37
C ASP A 579 -9.50 7.12 -36.26
N ILE A 580 -8.34 6.65 -35.80
CA ILE A 580 -7.98 5.21 -35.77
C ILE A 580 -9.03 4.47 -34.95
N LYS A 581 -9.77 3.54 -35.56
CA LYS A 581 -10.90 2.80 -34.94
C LYS A 581 -10.62 1.30 -34.90
N ASN A 582 -9.52 0.82 -35.49
CA ASN A 582 -9.02 -0.57 -35.35
C ASN A 582 -7.61 -0.56 -34.75
N ILE A 583 -7.28 -1.53 -33.89
CA ILE A 583 -5.94 -1.66 -33.24
C ILE A 583 -4.85 -1.87 -34.29
N GLU A 584 -5.21 -2.41 -35.46
CA GLU A 584 -4.23 -2.75 -36.52
C GLU A 584 -3.77 -1.49 -37.27
N ASP A 585 -4.59 -0.42 -37.32
CA ASP A 585 -4.41 0.71 -38.27
C ASP A 585 -3.60 1.87 -37.65
N PHE A 586 -2.88 1.69 -36.53
CA PHE A 586 -2.03 2.77 -35.92
C PHE A 586 -0.66 2.81 -36.59
N THR A 587 -0.13 4.02 -36.73
CA THR A 587 1.23 4.32 -37.27
C THR A 587 1.92 5.32 -36.34
N ILE A 588 3.25 5.33 -36.33
CA ILE A 588 4.13 6.20 -35.50
C ILE A 588 3.62 7.66 -35.43
N SER A 589 3.00 8.16 -36.49
CA SER A 589 2.62 9.59 -36.63
C SER A 589 1.25 9.83 -36.00
N ASP A 590 0.58 8.76 -35.57
CA ASP A 590 -0.74 8.84 -34.88
C ASP A 590 -0.50 9.10 -33.39
N PHE A 591 0.75 9.33 -32.97
CA PHE A 591 1.17 9.43 -31.55
C PHE A 591 2.00 10.68 -31.33
N THR A 592 1.64 11.41 -30.29
CA THR A 592 2.24 12.72 -29.95
C THR A 592 2.16 12.89 -28.43
N ILE A 593 3.33 13.07 -27.82
CA ILE A 593 3.47 13.41 -26.38
C ILE A 593 3.54 14.93 -26.32
N GLN A 594 2.55 15.59 -25.70
CA GLN A 594 2.50 17.07 -25.48
C GLN A 594 3.10 17.40 -24.12
N ASN A 595 4.01 18.37 -24.11
CA ASN A 595 4.53 19.06 -22.91
C ASN A 595 5.40 18.14 -22.04
N TYR A 596 6.36 17.41 -22.63
CA TYR A 596 7.32 16.62 -21.81
C TYR A 596 8.36 17.57 -21.23
N VAL A 597 8.24 17.87 -19.92
CA VAL A 597 9.25 18.67 -19.16
C VAL A 597 9.99 17.71 -18.24
N HIS A 598 11.32 17.65 -18.41
CA HIS A 598 12.21 16.61 -17.81
C HIS A 598 13.56 17.18 -17.43
N HIS A 599 14.18 16.60 -16.39
CA HIS A 599 15.59 16.84 -16.02
C HIS A 599 16.51 16.33 -17.13
N GLU A 600 17.79 16.66 -17.04
CA GLU A 600 18.90 16.19 -17.94
C GLU A 600 18.81 14.66 -18.09
N LYS A 601 19.11 14.12 -19.27
CA LYS A 601 19.27 12.65 -19.43
C LYS A 601 20.35 12.21 -18.43
N ILE A 602 20.18 10.99 -17.89
CA ILE A 602 21.19 10.27 -17.05
C ILE A 602 21.51 8.95 -17.76
N SER A 603 22.80 8.66 -17.92
CA SER A 603 23.34 7.30 -18.22
C SER A 603 23.44 6.55 -16.90
N MET A 604 22.80 5.38 -16.81
CA MET A 604 22.63 4.60 -15.54
C MET A 604 23.96 3.91 -15.17
N ASP A 605 24.59 3.23 -16.15
CA ASP A 605 26.05 2.89 -16.16
C ASP A 605 26.79 4.19 -16.50
N MET A 606 27.46 4.81 -15.52
CA MET A 606 28.32 6.00 -15.75
C MET A 606 29.72 5.52 -16.20
N ALA A 607 29.76 4.42 -16.95
CA ALA A 607 30.96 3.61 -17.32
C ALA A 607 31.55 4.13 -18.62
N ALA A 608 32.86 3.96 -18.81
CA ALA A 608 33.63 4.49 -19.96
C ALA A 608 34.93 3.68 -20.15
N MET B 1 -14.95 12.76 31.11
CA MET B 1 -15.66 13.58 32.16
C MET B 1 -15.13 13.21 33.56
N MET B 2 -15.28 14.13 34.54
CA MET B 2 -14.71 14.09 35.92
C MET B 2 -13.31 13.45 35.85
N GLU B 3 -13.03 12.40 36.65
CA GLU B 3 -11.80 11.55 36.59
C GLU B 3 -11.86 10.49 37.70
N GLN B 4 -11.75 9.21 37.33
CA GLN B 4 -11.57 8.10 38.31
C GLN B 4 -10.06 8.00 38.60
N VAL B 5 -9.72 7.36 39.72
CA VAL B 5 -8.32 7.19 40.22
C VAL B 5 -7.46 6.51 39.12
N CYS B 6 -8.02 5.58 38.32
CA CYS B 6 -7.35 4.85 37.19
C CYS B 6 -6.77 5.86 36.18
N ASP B 7 -7.62 6.78 35.69
CA ASP B 7 -7.21 7.85 34.76
C ASP B 7 -6.15 8.75 35.43
N VAL B 8 -6.37 9.17 36.67
CA VAL B 8 -5.56 10.23 37.36
C VAL B 8 -4.11 9.76 37.52
N PHE B 9 -3.94 8.53 38.02
CA PHE B 9 -2.64 7.97 38.45
C PHE B 9 -2.09 7.03 37.36
N ASP B 10 -2.72 7.00 36.17
CA ASP B 10 -2.21 6.32 34.95
C ASP B 10 -1.85 4.88 35.32
N ILE B 11 -2.84 4.14 35.83
CA ILE B 11 -2.62 2.75 36.34
C ILE B 11 -3.22 1.79 35.31
N TYR B 12 -2.33 1.05 34.64
CA TYR B 12 -2.63 0.03 33.62
C TYR B 12 -2.34 -1.34 34.24
N ALA B 13 -2.81 -2.41 33.59
CA ALA B 13 -2.43 -3.82 33.85
C ALA B 13 -1.73 -4.42 32.62
N ILE B 14 -0.81 -5.33 32.85
CA ILE B 14 -0.13 -6.13 31.80
C ILE B 14 -0.19 -7.59 32.23
N CYS B 15 -0.58 -8.47 31.29
CA CYS B 15 -0.69 -9.93 31.52
C CYS B 15 -0.35 -10.67 30.22
N ALA B 16 -0.31 -11.99 30.34
CA ALA B 16 0.03 -12.97 29.29
C ALA B 16 -0.71 -14.25 29.63
N CYS B 17 -1.55 -14.75 28.72
CA CYS B 17 -2.53 -15.81 29.06
C CYS B 17 -2.48 -16.97 28.04
N CYS B 18 -2.54 -18.20 28.57
CA CYS B 18 -2.67 -19.50 27.85
C CYS B 18 -4.11 -19.88 27.55
N LYS B 19 -4.24 -20.92 26.73
CA LYS B 19 -5.42 -21.82 26.67
C LYS B 19 -5.17 -22.96 27.65
N VAL B 20 -6.25 -23.56 28.17
CA VAL B 20 -6.24 -24.49 29.35
C VAL B 20 -6.59 -25.90 28.90
N GLU B 21 -5.99 -26.90 29.55
CA GLU B 21 -6.04 -28.32 29.10
C GLU B 21 -7.24 -29.06 29.69
N SER B 22 -8.45 -28.59 29.39
CA SER B 22 -9.74 -29.25 29.79
C SER B 22 -9.91 -30.60 29.05
N LYS B 23 -10.57 -31.57 29.71
CA LYS B 23 -10.99 -32.87 29.11
C LYS B 23 -12.26 -32.66 28.26
N ASN B 24 -12.07 -32.18 27.02
CA ASN B 24 -13.15 -31.92 26.00
C ASN B 24 -13.98 -33.20 25.83
N GLU B 25 -15.29 -33.12 26.12
CA GLU B 25 -16.25 -34.26 26.21
C GLU B 25 -16.77 -34.59 24.79
N GLY B 26 -15.94 -35.29 23.98
CA GLY B 26 -16.19 -35.59 22.54
C GLY B 26 -16.76 -34.39 21.80
N LYS B 27 -16.07 -33.23 21.88
CA LYS B 27 -16.51 -31.93 21.30
C LYS B 27 -15.27 -31.16 20.82
N LYS B 28 -14.73 -31.55 19.65
CA LYS B 28 -13.83 -30.71 18.80
C LYS B 28 -14.72 -29.65 18.11
N ASN B 29 -16.06 -29.80 18.19
CA ASN B 29 -17.05 -28.69 18.03
C ASN B 29 -16.94 -27.77 19.27
N GLU B 30 -15.81 -27.04 19.37
CA GLU B 30 -15.41 -26.12 20.47
C GLU B 30 -15.76 -24.68 20.06
N VAL B 31 -16.33 -23.94 21.01
CA VAL B 31 -16.61 -22.48 20.92
C VAL B 31 -15.41 -21.77 21.57
N PHE B 32 -14.98 -20.64 20.99
CA PHE B 32 -13.84 -19.78 21.46
C PHE B 32 -14.33 -18.34 21.66
N ASN B 33 -13.82 -17.66 22.70
CA ASN B 33 -14.11 -16.23 23.05
C ASN B 33 -12.85 -15.59 23.66
N ASN B 34 -12.96 -14.36 24.16
CA ASN B 34 -11.86 -13.63 24.83
C ASN B 34 -11.35 -14.38 26.07
N TYR B 35 -12.25 -15.00 26.85
CA TYR B 35 -11.92 -15.82 28.04
C TYR B 35 -11.12 -17.09 27.66
N THR B 36 -11.04 -17.48 26.38
CA THR B 36 -10.25 -18.64 25.87
C THR B 36 -8.80 -18.54 26.36
N PHE B 37 -8.23 -17.34 26.27
CA PHE B 37 -6.89 -16.99 26.81
C PHE B 37 -7.04 -16.46 28.24
N ARG B 38 -6.78 -17.31 29.24
CA ARG B 38 -6.74 -16.91 30.67
C ARG B 38 -5.49 -17.48 31.37
N GLY B 39 -5.16 -18.76 31.21
CA GLY B 39 -4.04 -19.45 31.90
C GLY B 39 -2.85 -18.55 32.22
N LEU B 40 -2.54 -18.38 33.51
CA LEU B 40 -1.49 -17.46 34.02
C LEU B 40 -0.31 -18.23 34.60
N GLY B 41 -0.56 -19.39 35.21
CA GLY B 41 0.46 -20.06 36.03
C GLY B 41 0.19 -21.54 36.20
N ASN B 42 1.25 -22.24 36.59
CA ASN B 42 1.24 -23.70 36.90
C ASN B 42 2.40 -24.01 37.84
N LYS B 43 2.10 -24.64 38.99
CA LYS B 43 3.10 -25.01 40.03
C LYS B 43 4.03 -23.81 40.26
N GLY B 44 3.47 -22.61 40.41
CA GLY B 44 4.18 -21.39 40.85
C GLY B 44 5.19 -20.87 39.82
N VAL B 45 5.04 -21.25 38.55
CA VAL B 45 5.80 -20.66 37.41
C VAL B 45 4.81 -20.42 36.26
N LEU B 46 5.28 -19.86 35.14
CA LEU B 46 4.45 -19.65 33.92
C LEU B 46 4.21 -21.02 33.28
N PRO B 47 3.04 -21.24 32.63
CA PRO B 47 2.71 -22.54 32.07
C PRO B 47 3.57 -22.95 30.84
N TRP B 48 4.22 -21.97 30.21
CA TRP B 48 5.06 -22.17 29.00
C TRP B 48 6.55 -21.96 29.34
N LYS B 49 6.90 -22.02 30.64
CA LYS B 49 8.24 -21.76 31.24
C LYS B 49 8.73 -20.38 30.79
N CYS B 50 9.10 -20.24 29.52
CA CYS B 50 9.68 -19.00 28.89
C CYS B 50 8.98 -18.75 27.55
N ASN B 51 8.50 -17.53 27.33
CA ASN B 51 8.30 -16.98 25.98
C ASN B 51 9.18 -15.72 25.84
N SER B 52 10.29 -15.86 25.10
CA SER B 52 11.34 -14.85 24.88
C SER B 52 10.76 -13.50 24.40
N LEU B 53 9.88 -13.52 23.40
CA LEU B 53 9.30 -12.30 22.76
C LEU B 53 8.33 -11.58 23.73
N ASP B 54 7.40 -12.27 24.39
CA ASP B 54 6.55 -11.63 25.44
C ASP B 54 7.44 -10.97 26.48
N MET B 55 8.51 -11.64 26.94
CA MET B 55 9.49 -11.15 27.95
C MET B 55 10.10 -9.85 27.44
N LYS B 56 10.36 -9.75 26.13
CA LYS B 56 10.84 -8.51 25.46
C LYS B 56 9.75 -7.42 25.54
N TYR B 57 8.50 -7.76 25.21
CA TYR B 57 7.36 -6.81 25.23
C TYR B 57 7.25 -6.26 26.66
N PHE B 58 7.04 -7.15 27.62
CA PHE B 58 6.76 -6.85 29.04
C PHE B 58 7.82 -5.88 29.58
N ARG B 59 9.09 -6.07 29.20
CA ARG B 59 10.22 -5.19 29.61
C ARG B 59 10.02 -3.81 28.97
N ALA B 60 9.84 -3.76 27.65
CA ALA B 60 9.79 -2.51 26.85
C ALA B 60 8.57 -1.68 27.26
N VAL B 61 7.47 -2.31 27.66
CA VAL B 61 6.21 -1.65 28.10
C VAL B 61 6.39 -1.09 29.51
N THR B 62 7.11 -1.79 30.39
CA THR B 62 7.27 -1.41 31.82
C THR B 62 8.48 -0.47 31.97
N THR B 63 9.45 -0.53 31.04
CA THR B 63 10.75 0.19 31.11
C THR B 63 10.74 1.42 30.17
N TYR B 64 9.59 1.77 29.58
CA TYR B 64 9.46 2.94 28.67
C TYR B 64 8.89 4.12 29.46
N VAL B 65 9.48 5.31 29.25
CA VAL B 65 8.95 6.65 29.63
C VAL B 65 9.24 7.63 28.47
N ASN B 66 8.37 8.60 28.28
CA ASN B 66 8.74 9.87 27.61
C ASN B 66 8.69 10.96 28.67
N GLU B 67 9.86 11.53 28.97
CA GLU B 67 10.07 12.64 29.94
C GLU B 67 9.20 13.82 29.50
N SER B 68 9.31 14.22 28.23
CA SER B 68 8.46 15.25 27.59
C SER B 68 7.03 15.22 28.15
N LYS B 69 6.40 14.04 28.13
CA LYS B 69 4.96 13.85 28.45
C LYS B 69 4.69 14.05 29.95
N TYR B 70 5.70 13.90 30.81
CA TYR B 70 5.59 13.86 32.29
C TYR B 70 4.94 15.14 32.83
N GLU B 71 5.23 16.29 32.21
CA GLU B 71 4.83 17.62 32.73
C GLU B 71 3.31 17.65 32.92
N LYS B 72 2.57 17.36 31.86
CA LYS B 72 1.07 17.36 31.83
C LYS B 72 0.55 16.49 32.99
N LEU B 73 1.10 15.28 33.18
CA LEU B 73 0.62 14.24 34.14
C LEU B 73 0.81 14.71 35.60
N LYS B 74 1.93 15.41 35.87
CA LYS B 74 2.33 15.90 37.22
C LYS B 74 1.36 17.01 37.67
N TYR B 75 0.86 17.80 36.71
CA TYR B 75 -0.22 18.81 36.93
C TYR B 75 -1.49 18.05 37.42
N LYS B 76 -2.17 17.40 36.46
CA LYS B 76 -3.49 16.69 36.62
C LYS B 76 -3.48 15.81 37.88
N ARG B 77 -2.33 15.19 38.20
CA ARG B 77 -2.14 14.38 39.44
C ARG B 77 -2.21 15.31 40.66
N CYS B 78 -1.26 16.25 40.80
CA CYS B 78 -1.02 17.03 42.05
C CYS B 78 -2.25 17.88 42.36
N LYS B 79 -2.94 18.35 41.33
CA LYS B 79 -4.16 19.21 41.44
C LYS B 79 -5.34 18.43 42.07
N TYR B 80 -5.33 17.09 42.00
CA TYR B 80 -6.47 16.18 42.38
C TYR B 80 -6.36 15.72 43.84
N LEU B 81 -5.18 15.28 44.30
CA LEU B 81 -4.94 14.94 45.74
C LEU B 81 -4.96 16.23 46.58
N ASN B 82 -5.13 17.40 45.92
CA ASN B 82 -5.42 18.74 46.51
C ASN B 82 -4.15 19.26 47.21
N LYS B 83 -2.98 19.02 46.60
CA LYS B 83 -1.64 19.29 47.21
C LYS B 83 -0.69 19.77 46.11
N GLU B 84 -0.89 20.99 45.57
CA GLU B 84 -0.31 21.45 44.27
C GLU B 84 1.21 21.68 44.43
N THR B 85 2.03 20.84 43.74
CA THR B 85 3.53 20.83 43.73
C THR B 85 4.02 20.71 42.27
N SER B 95 20.12 14.30 40.16
CA SER B 95 19.02 13.66 39.38
C SER B 95 19.21 12.12 39.34
N LYS B 96 18.11 11.37 39.42
CA LYS B 96 18.07 9.89 39.20
C LYS B 96 17.65 9.66 37.75
N LYS B 97 16.42 9.17 37.52
CA LYS B 97 15.71 9.23 36.22
C LYS B 97 14.21 9.14 36.52
N LEU B 98 13.36 9.32 35.51
CA LEU B 98 11.89 9.07 35.62
C LEU B 98 11.68 7.57 35.37
N GLN B 99 10.80 6.93 36.15
CA GLN B 99 10.57 5.46 36.11
C GLN B 99 9.09 5.11 36.26
N ASN B 100 8.72 3.91 35.80
CA ASN B 100 7.36 3.34 35.97
C ASN B 100 7.37 2.51 37.25
N VAL B 101 6.20 2.36 37.87
CA VAL B 101 5.97 1.44 39.01
C VAL B 101 5.48 0.10 38.46
N VAL B 102 5.79 -0.98 39.16
CA VAL B 102 5.18 -2.32 38.94
C VAL B 102 4.67 -2.82 40.29
N VAL B 103 3.43 -3.33 40.31
CA VAL B 103 2.71 -3.84 41.52
C VAL B 103 2.55 -5.35 41.37
N MET B 104 2.97 -6.16 42.36
CA MET B 104 2.84 -7.64 42.25
C MET B 104 2.47 -8.27 43.59
N GLY B 105 1.66 -9.33 43.57
CA GLY B 105 1.34 -10.14 44.75
C GLY B 105 2.58 -10.88 45.20
N ARG B 106 2.75 -11.05 46.51
CA ARG B 106 3.91 -11.79 47.10
C ARG B 106 4.14 -13.09 46.33
N THR B 107 3.08 -13.86 46.09
CA THR B 107 3.11 -15.19 45.41
C THR B 107 3.81 -15.04 44.06
N ASN B 108 3.47 -13.95 43.34
CA ASN B 108 4.00 -13.63 42.00
C ASN B 108 5.47 -13.24 42.15
N TRP B 109 5.77 -12.29 43.05
CA TRP B 109 7.15 -11.91 43.42
C TRP B 109 7.99 -13.18 43.58
N GLU B 110 7.53 -14.15 44.37
CA GLU B 110 8.24 -15.41 44.77
C GLU B 110 8.32 -16.41 43.61
N SER B 111 7.50 -16.25 42.56
CA SER B 111 7.44 -17.08 41.33
C SER B 111 8.29 -16.45 40.20
N ILE B 112 8.68 -15.17 40.29
CA ILE B 112 9.67 -14.54 39.37
C ILE B 112 11.02 -15.11 39.75
N PRO B 113 11.78 -15.73 38.82
CA PRO B 113 13.19 -16.06 39.06
C PRO B 113 13.98 -14.98 39.82
N LYS B 114 15.15 -15.35 40.34
CA LYS B 114 15.95 -14.51 41.27
C LYS B 114 16.73 -13.45 40.48
N LYS B 115 17.17 -13.79 39.27
CA LYS B 115 18.05 -12.96 38.40
C LYS B 115 17.29 -11.70 37.93
N PHE B 116 15.95 -11.77 37.81
CA PHE B 116 15.11 -10.65 37.32
C PHE B 116 14.71 -9.74 38.48
N LYS B 117 14.83 -10.21 39.73
CA LYS B 117 14.41 -9.48 40.97
C LYS B 117 15.57 -8.65 41.50
N PRO B 118 15.39 -7.33 41.77
CA PRO B 118 14.19 -6.59 41.42
C PRO B 118 14.26 -6.05 39.99
N LEU B 119 13.09 -5.96 39.32
CA LEU B 119 12.94 -5.67 37.88
C LEU B 119 13.60 -4.32 37.55
N SER B 120 14.62 -4.37 36.68
CA SER B 120 15.56 -3.25 36.41
C SER B 120 14.78 -1.98 36.07
N ASN B 121 15.31 -0.84 36.51
CA ASN B 121 14.86 0.54 36.16
C ASN B 121 13.35 0.70 36.33
N ARG B 122 12.74 -0.05 37.26
CA ARG B 122 11.31 0.10 37.65
C ARG B 122 11.22 0.25 39.17
N ILE B 123 10.08 0.74 39.67
CA ILE B 123 9.80 0.88 41.12
C ILE B 123 8.97 -0.34 41.56
N ASN B 124 9.64 -1.37 42.03
CA ASN B 124 9.05 -2.67 42.45
C ASN B 124 8.21 -2.43 43.72
N VAL B 125 6.92 -2.77 43.70
CA VAL B 125 5.96 -2.72 44.84
C VAL B 125 5.38 -4.11 45.02
N ILE B 126 5.33 -4.63 46.26
CA ILE B 126 4.68 -5.93 46.59
C ILE B 126 3.53 -5.69 47.58
N LEU B 127 2.28 -5.89 47.14
CA LEU B 127 1.08 -6.14 48.00
C LEU B 127 1.26 -7.41 48.82
N SER B 128 1.42 -7.28 50.15
CA SER B 128 1.49 -8.42 51.11
C SER B 128 0.92 -7.98 52.47
N ARG B 129 0.11 -8.86 53.07
CA ARG B 129 -0.39 -8.76 54.46
C ARG B 129 0.57 -9.51 55.40
N THR B 130 1.05 -10.71 55.02
CA THR B 130 1.91 -11.62 55.84
C THR B 130 3.29 -10.98 56.12
N LEU B 131 3.93 -10.39 55.10
CA LEU B 131 5.34 -9.87 55.17
C LEU B 131 5.35 -8.33 55.10
N LYS B 132 6.52 -7.71 55.31
CA LYS B 132 6.71 -6.22 55.49
C LYS B 132 8.16 -5.83 55.12
N LYS B 133 8.41 -4.54 54.86
CA LYS B 133 9.73 -4.04 54.33
C LYS B 133 10.86 -4.88 54.96
N GLU B 134 10.83 -4.97 56.31
CA GLU B 134 11.60 -5.91 57.19
C GLU B 134 12.15 -7.11 56.40
N ASP B 135 11.24 -7.93 55.86
CA ASP B 135 11.46 -9.34 55.42
C ASP B 135 12.16 -9.42 54.06
N PHE B 136 12.27 -8.31 53.32
CA PHE B 136 12.73 -8.30 51.91
C PHE B 136 14.13 -7.66 51.85
N ASP B 137 15.12 -8.51 51.56
CA ASP B 137 16.58 -8.23 51.54
C ASP B 137 16.95 -7.42 50.30
N GLU B 138 15.97 -7.01 49.49
CA GLU B 138 16.19 -6.32 48.20
C GLU B 138 15.45 -4.96 48.24
N ASP B 139 15.85 -4.05 47.32
CA ASP B 139 15.48 -2.61 47.29
C ASP B 139 14.04 -2.47 46.75
N VAL B 140 13.04 -2.34 47.65
CA VAL B 140 11.58 -2.38 47.29
C VAL B 140 10.78 -1.33 48.09
N TYR B 141 9.45 -1.37 47.95
CA TYR B 141 8.42 -0.87 48.90
C TYR B 141 7.41 -1.99 49.12
N ILE B 142 6.83 -2.09 50.32
CA ILE B 142 5.73 -3.04 50.62
C ILE B 142 4.44 -2.22 50.75
N ILE B 143 3.30 -2.91 50.85
CA ILE B 143 1.94 -2.37 51.17
C ILE B 143 1.08 -3.56 51.61
N ASN B 144 0.00 -3.35 52.38
CA ASN B 144 -0.89 -4.45 52.85
C ASN B 144 -2.37 -4.20 52.48
N LYS B 145 -2.68 -3.18 51.68
CA LYS B 145 -4.04 -3.02 51.06
C LYS B 145 -3.92 -2.23 49.75
N VAL B 146 -5.02 -2.16 49.01
CA VAL B 146 -5.07 -1.60 47.62
C VAL B 146 -5.13 -0.06 47.68
N GLU B 147 -5.76 0.48 48.72
CA GLU B 147 -5.88 1.95 48.93
C GLU B 147 -4.48 2.52 49.20
N ASP B 148 -3.61 1.72 49.83
CA ASP B 148 -2.21 2.05 50.19
C ASP B 148 -1.38 2.35 48.95
N LEU B 149 -1.71 1.76 47.79
CA LEU B 149 -0.98 2.02 46.52
C LEU B 149 -1.30 3.43 46.02
N ILE B 150 -2.58 3.85 46.02
CA ILE B 150 -2.99 5.19 45.49
C ILE B 150 -2.21 6.25 46.26
N VAL B 151 -1.88 5.96 47.53
CA VAL B 151 -1.08 6.82 48.49
C VAL B 151 0.38 6.90 48.01
N LEU B 152 1.08 5.76 47.93
CA LEU B 152 2.50 5.62 47.46
C LEU B 152 2.68 6.33 46.10
N LEU B 153 1.65 6.25 45.24
CA LEU B 153 1.58 6.90 43.90
C LEU B 153 1.53 8.40 44.09
N GLY B 154 0.65 8.86 44.99
CA GLY B 154 0.46 10.28 45.33
C GLY B 154 1.75 11.01 45.67
N LYS B 155 2.78 10.29 46.14
CA LYS B 155 4.04 10.86 46.72
C LYS B 155 5.20 10.84 45.72
N LEU B 156 5.26 9.81 44.86
CA LEU B 156 6.49 9.33 44.17
C LEU B 156 6.62 9.95 42.77
N ASN B 157 7.81 9.78 42.14
CA ASN B 157 8.18 10.26 40.78
C ASN B 157 8.06 9.10 39.75
N TYR B 158 6.83 8.79 39.30
CA TYR B 158 6.52 7.69 38.34
C TYR B 158 5.80 8.24 37.10
N TYR B 159 6.14 7.73 35.91
CA TYR B 159 5.46 8.07 34.63
C TYR B 159 4.12 7.31 34.52
N LYS B 160 4.12 5.98 34.67
CA LYS B 160 2.89 5.12 34.65
C LYS B 160 3.04 3.94 35.64
N CYS B 161 1.93 3.51 36.25
CA CYS B 161 1.87 2.36 37.20
C CYS B 161 1.23 1.13 36.53
N PHE B 162 1.88 -0.03 36.61
CA PHE B 162 1.54 -1.28 35.89
C PHE B 162 1.28 -2.42 36.89
N ILE B 163 0.13 -3.10 36.79
CA ILE B 163 -0.24 -4.26 37.66
C ILE B 163 0.22 -5.53 36.93
N ILE B 164 1.26 -6.19 37.44
CA ILE B 164 1.95 -7.28 36.69
C ILE B 164 1.55 -8.64 37.25
N GLY B 165 0.41 -8.71 37.95
CA GLY B 165 -0.22 -9.96 38.43
C GLY B 165 0.18 -10.30 39.87
N GLY B 166 -0.31 -11.43 40.40
CA GLY B 166 -1.02 -12.47 39.67
C GLY B 166 -2.54 -12.30 39.69
N SER B 167 -3.25 -13.44 39.68
CA SER B 167 -4.72 -13.55 39.49
C SER B 167 -5.45 -12.73 40.57
N VAL B 168 -5.16 -13.06 41.83
CA VAL B 168 -5.77 -12.42 43.03
C VAL B 168 -5.62 -10.89 42.88
N VAL B 169 -4.39 -10.41 42.67
CA VAL B 169 -4.07 -8.97 42.47
C VAL B 169 -4.84 -8.40 41.28
N TYR B 170 -5.02 -9.15 40.17
CA TYR B 170 -5.78 -8.66 38.98
C TYR B 170 -7.27 -8.54 39.35
N GLN B 171 -7.84 -9.64 39.83
CA GLN B 171 -9.29 -9.81 40.10
C GLN B 171 -9.79 -8.60 40.92
N GLU B 172 -9.05 -8.19 41.95
CA GLU B 172 -9.51 -7.13 42.89
C GLU B 172 -9.33 -5.75 42.24
N PHE B 173 -8.22 -5.52 41.55
CA PHE B 173 -7.94 -4.24 40.86
C PHE B 173 -9.00 -4.01 39.78
N LEU B 174 -9.50 -5.12 39.21
CA LEU B 174 -10.50 -5.12 38.11
C LEU B 174 -11.89 -4.88 38.71
N GLU B 175 -12.17 -5.59 39.81
CA GLU B 175 -13.42 -5.42 40.59
C GLU B 175 -13.67 -3.93 40.81
N LYS B 176 -12.73 -3.20 41.43
CA LYS B 176 -12.92 -1.76 41.75
C LYS B 176 -12.37 -0.89 40.60
N LYS B 177 -12.43 -1.38 39.36
CA LYS B 177 -12.23 -0.62 38.10
C LYS B 177 -11.09 0.41 38.23
N LEU B 178 -9.96 0.01 38.81
CA LEU B 178 -8.79 0.89 39.07
C LEU B 178 -7.82 0.90 37.87
N ILE B 179 -8.08 0.10 36.82
CA ILE B 179 -7.12 -0.09 35.68
C ILE B 179 -7.73 0.52 34.42
N LYS B 180 -6.89 1.27 33.70
CA LYS B 180 -7.28 2.19 32.60
C LYS B 180 -7.27 1.43 31.27
N LYS B 181 -6.23 0.60 31.06
CA LYS B 181 -6.09 -0.35 29.93
C LYS B 181 -5.48 -1.65 30.44
N ILE B 182 -5.73 -2.76 29.74
CA ILE B 182 -5.01 -4.05 29.89
C ILE B 182 -4.21 -4.31 28.60
N TYR B 183 -2.88 -4.38 28.74
CA TYR B 183 -1.92 -4.85 27.70
C TYR B 183 -1.80 -6.38 27.83
N PHE B 184 -2.47 -7.09 26.92
CA PHE B 184 -2.82 -8.52 27.07
C PHE B 184 -2.13 -9.34 25.98
N THR B 185 -1.20 -10.21 26.37
CA THR B 185 -0.52 -11.15 25.44
C THR B 185 -1.41 -12.41 25.33
N ARG B 186 -1.78 -12.76 24.09
CA ARG B 186 -2.47 -14.04 23.77
C ARG B 186 -1.41 -15.06 23.35
N ILE B 187 -1.07 -15.97 24.25
CA ILE B 187 -0.18 -17.12 23.92
C ILE B 187 -1.09 -18.17 23.29
N ASN B 188 -0.95 -18.42 21.99
CA ASN B 188 -1.86 -19.28 21.20
C ASN B 188 -1.31 -20.72 21.21
N SER B 189 -1.04 -21.24 22.41
CA SER B 189 -0.98 -22.70 22.67
C SER B 189 -1.65 -23.02 24.02
N THR B 190 -1.83 -24.32 24.27
CA THR B 190 -2.58 -24.94 25.39
C THR B 190 -1.60 -25.59 26.34
N TYR B 191 -1.56 -25.19 27.61
CA TYR B 191 -0.66 -25.79 28.65
C TYR B 191 -1.46 -26.10 29.92
N GLU B 192 -0.85 -26.90 30.79
CA GLU B 192 -1.43 -27.24 32.12
C GLU B 192 -1.46 -25.93 32.91
N CYS B 193 -2.57 -25.59 33.59
CA CYS B 193 -2.69 -24.40 34.45
C CYS B 193 -3.45 -24.72 35.76
N ASP B 194 -2.98 -24.17 36.89
CA ASP B 194 -3.67 -24.18 38.21
C ASP B 194 -4.27 -22.80 38.53
N VAL B 195 -3.72 -21.70 37.96
CA VAL B 195 -4.16 -20.29 38.23
C VAL B 195 -4.60 -19.64 36.91
N PHE B 196 -5.52 -18.67 36.98
CA PHE B 196 -6.29 -18.14 35.82
C PHE B 196 -6.54 -16.64 35.99
N PHE B 197 -6.56 -15.91 34.88
CA PHE B 197 -6.90 -14.47 34.80
C PHE B 197 -8.42 -14.34 34.88
N PRO B 198 -8.98 -13.23 35.42
CA PRO B 198 -10.41 -13.14 35.67
C PRO B 198 -11.22 -12.91 34.39
N GLU B 199 -12.49 -13.31 34.38
CA GLU B 199 -13.40 -13.08 33.22
C GLU B 199 -13.55 -11.57 32.99
N ILE B 200 -12.77 -11.01 32.07
CA ILE B 200 -12.89 -9.57 31.66
C ILE B 200 -14.32 -9.33 31.17
N ASN B 201 -14.88 -8.17 31.55
CA ASN B 201 -16.32 -7.82 31.41
C ASN B 201 -16.56 -7.09 30.08
N GLU B 202 -17.25 -7.75 29.13
CA GLU B 202 -17.52 -7.22 27.76
C GLU B 202 -18.06 -5.79 27.84
N ASN B 203 -18.86 -5.49 28.87
CA ASN B 203 -19.37 -4.13 29.21
C ASN B 203 -18.19 -3.21 29.56
N GLU B 204 -17.46 -3.51 30.63
CA GLU B 204 -16.49 -2.60 31.32
C GLU B 204 -15.25 -2.31 30.47
N TYR B 205 -14.83 -3.26 29.62
CA TYR B 205 -13.55 -3.23 28.86
C TYR B 205 -13.77 -3.70 27.44
N GLN B 206 -13.09 -3.04 26.48
CA GLN B 206 -13.26 -3.25 25.03
C GLN B 206 -11.89 -3.20 24.33
N ILE B 207 -11.59 -4.21 23.52
CA ILE B 207 -10.35 -4.25 22.70
C ILE B 207 -10.38 -3.04 21.76
N ILE B 208 -9.27 -2.31 21.68
CA ILE B 208 -9.11 -1.11 20.80
C ILE B 208 -7.90 -1.27 19.87
N SER B 209 -7.15 -2.36 19.97
CA SER B 209 -5.88 -2.52 19.22
C SER B 209 -5.39 -3.97 19.26
N VAL B 210 -5.04 -4.50 18.09
CA VAL B 210 -4.54 -5.88 17.86
C VAL B 210 -3.20 -5.74 17.14
N SER B 211 -2.13 -6.32 17.68
CA SER B 211 -0.78 -6.22 17.08
C SER B 211 -0.72 -7.17 15.87
N ASP B 212 0.44 -7.20 15.22
CA ASP B 212 0.93 -8.28 14.34
C ASP B 212 0.91 -9.59 15.12
N VAL B 213 0.91 -10.72 14.39
CA VAL B 213 1.13 -12.08 14.95
C VAL B 213 2.60 -12.42 14.74
N TYR B 214 3.16 -13.18 15.67
CA TYR B 214 4.59 -13.52 15.74
C TYR B 214 4.69 -14.98 16.10
N THR B 215 5.83 -15.63 15.84
CA THR B 215 6.19 -16.98 16.39
C THR B 215 7.37 -16.81 17.35
N SER B 216 7.32 -17.44 18.52
CA SER B 216 8.39 -17.39 19.55
C SER B 216 8.26 -18.63 20.41
N ASN B 217 9.33 -19.42 20.49
CA ASN B 217 9.38 -20.63 21.34
C ASN B 217 8.25 -21.59 20.91
N ASN B 218 8.16 -21.91 19.61
CA ASN B 218 7.28 -23.00 19.06
C ASN B 218 5.78 -22.70 19.22
N THR B 219 5.37 -21.44 19.37
CA THR B 219 3.94 -21.00 19.49
C THR B 219 3.79 -19.64 18.81
N THR B 220 2.65 -19.39 18.16
CA THR B 220 2.27 -18.02 17.71
C THR B 220 1.76 -17.28 18.94
N LEU B 221 1.82 -15.96 18.89
CA LEU B 221 1.27 -15.08 19.95
C LEU B 221 1.01 -13.71 19.34
N ASP B 222 0.14 -12.93 19.96
CA ASP B 222 -0.06 -11.50 19.57
C ASP B 222 -0.33 -10.72 20.86
N PHE B 223 -0.45 -9.41 20.71
CA PHE B 223 -0.57 -8.42 21.79
C PHE B 223 -1.80 -7.56 21.52
N ILE B 224 -2.82 -7.59 22.38
CA ILE B 224 -4.01 -6.71 22.22
C ILE B 224 -4.03 -5.70 23.36
N ILE B 225 -4.84 -4.65 23.19
CA ILE B 225 -5.04 -3.57 24.20
C ILE B 225 -6.53 -3.43 24.45
N TYR B 226 -6.96 -3.72 25.69
CA TYR B 226 -8.33 -3.45 26.18
C TYR B 226 -8.38 -2.06 26.83
N LYS B 227 -9.45 -1.33 26.59
CA LYS B 227 -9.70 0.06 27.07
C LYS B 227 -10.95 0.04 27.98
N LYS B 228 -10.85 0.71 29.14
CA LYS B 228 -11.98 0.88 30.09
C LYS B 228 -13.11 1.62 29.36
N THR B 229 -14.35 1.26 29.68
CA THR B 229 -15.60 1.87 29.13
C THR B 229 -15.76 3.33 29.61
N ASN B 230 -16.45 4.15 28.80
CA ASN B 230 -17.17 5.39 29.20
C ASN B 230 -18.38 5.02 30.09
N ASN B 231 -18.98 6.00 30.78
CA ASN B 231 -20.28 5.83 31.50
C ASN B 231 -20.15 4.65 32.48
N ASP B 283 4.30 19.63 12.57
CA ASP B 283 4.12 21.10 12.48
C ASP B 283 2.70 21.42 11.95
N ASP B 284 2.16 22.61 12.30
CA ASP B 284 0.71 22.99 12.19
C ASP B 284 0.37 23.57 10.80
N GLU B 285 1.24 24.44 10.25
CA GLU B 285 1.11 24.97 8.85
C GLU B 285 1.52 23.87 7.84
N GLU B 286 2.17 22.79 8.32
CA GLU B 286 2.43 21.53 7.56
C GLU B 286 1.19 20.63 7.64
N GLU B 287 0.38 20.72 8.71
CA GLU B 287 -0.94 20.03 8.79
C GLU B 287 -1.96 20.73 7.86
N ASP B 288 -1.88 22.06 7.73
CA ASP B 288 -2.76 22.82 6.78
C ASP B 288 -2.42 22.39 5.35
N ASP B 289 -1.13 22.29 5.01
CA ASP B 289 -0.66 21.83 3.68
C ASP B 289 -1.33 20.49 3.32
N PHE B 290 -1.46 19.57 4.27
CA PHE B 290 -2.21 18.29 4.09
C PHE B 290 -3.64 18.58 3.58
N VAL B 291 -4.35 19.51 4.23
CA VAL B 291 -5.77 19.85 3.91
C VAL B 291 -5.85 20.36 2.46
N TYR B 292 -4.91 21.22 2.08
CA TYR B 292 -4.84 21.84 0.73
C TYR B 292 -4.59 20.74 -0.32
N PHE B 293 -3.76 19.75 0.00
CA PHE B 293 -3.37 18.69 -0.96
C PHE B 293 -4.49 17.66 -1.05
N ASN B 294 -5.44 17.70 -0.10
CA ASN B 294 -6.62 16.81 -0.11
C ASN B 294 -7.81 17.60 -0.62
N PHE B 295 -7.58 18.73 -1.29
CA PHE B 295 -8.66 19.68 -1.69
C PHE B 295 -9.59 19.10 -2.75
N ASN B 296 -9.18 18.10 -3.53
CA ASN B 296 -9.99 17.59 -4.68
C ASN B 296 -10.68 16.30 -4.29
N LYS B 297 -10.38 15.74 -3.12
CA LYS B 297 -10.96 14.46 -2.63
C LYS B 297 -12.47 14.63 -2.52
N GLU B 298 -13.22 13.68 -3.13
CA GLU B 298 -14.71 13.58 -3.08
C GLU B 298 -15.13 13.77 -1.61
N LYS B 299 -16.30 14.39 -1.38
CA LYS B 299 -16.76 14.92 -0.06
C LYS B 299 -16.95 13.76 0.95
N GLU B 300 -17.64 12.69 0.54
CA GLU B 300 -17.85 11.45 1.35
C GLU B 300 -17.62 10.21 0.47
N GLU B 301 -17.37 9.06 1.11
CA GLU B 301 -17.12 7.75 0.45
C GLU B 301 -18.37 7.36 -0.35
N LYS B 302 -18.18 6.81 -1.56
CA LYS B 302 -19.22 6.71 -2.65
C LYS B 302 -20.50 5.99 -2.17
N ASN B 303 -20.38 4.82 -1.54
CA ASN B 303 -21.53 3.99 -1.10
C ASN B 303 -21.70 4.15 0.42
N LYS B 304 -21.52 5.37 0.95
CA LYS B 304 -21.56 5.70 2.41
C LYS B 304 -22.96 5.32 2.95
N ASN B 305 -23.99 6.07 2.52
CA ASN B 305 -25.44 5.84 2.75
C ASN B 305 -25.79 4.36 2.51
N SER B 306 -25.20 3.77 1.46
CA SER B 306 -25.46 2.40 0.90
C SER B 306 -25.05 1.30 1.89
N ILE B 307 -23.92 1.46 2.61
CA ILE B 307 -23.36 0.42 3.55
C ILE B 307 -23.52 0.89 5.00
N HIS B 308 -23.47 2.20 5.27
CA HIS B 308 -23.70 2.82 6.61
C HIS B 308 -22.60 2.38 7.60
N PRO B 309 -21.45 3.09 7.63
CA PRO B 309 -20.32 2.69 8.48
C PRO B 309 -20.61 2.70 10.00
N ASN B 310 -21.69 3.34 10.43
CA ASN B 310 -21.99 3.55 11.87
C ASN B 310 -22.29 2.17 12.49
N ASP B 311 -22.70 1.22 11.64
CA ASP B 311 -22.91 -0.22 11.97
C ASP B 311 -21.61 -0.91 12.40
N PHE B 312 -20.46 -0.58 11.78
CA PHE B 312 -19.12 -1.13 12.14
C PHE B 312 -18.48 -0.37 13.30
N GLN B 313 -19.23 -0.09 14.37
CA GLN B 313 -18.73 0.72 15.53
C GLN B 313 -17.36 0.18 15.93
N ILE B 314 -17.20 -1.15 16.04
CA ILE B 314 -16.01 -1.80 16.64
C ILE B 314 -14.85 -1.67 15.65
N TYR B 315 -15.04 -2.09 14.40
CA TYR B 315 -14.01 -2.02 13.33
C TYR B 315 -13.41 -0.62 13.28
N ASN B 316 -14.27 0.40 13.44
CA ASN B 316 -13.93 1.84 13.31
C ASN B 316 -13.36 2.40 14.62
N SER B 317 -13.69 1.77 15.75
CA SER B 317 -13.27 2.24 17.10
C SER B 317 -11.87 1.74 17.40
N LEU B 318 -11.35 0.80 16.60
CA LEU B 318 -9.95 0.27 16.73
C LEU B 318 -8.98 1.35 16.29
N LYS B 319 -7.93 1.61 17.08
CA LYS B 319 -6.87 2.58 16.72
C LYS B 319 -5.91 1.85 15.77
N TYR B 320 -5.21 0.84 16.30
CA TYR B 320 -4.15 0.08 15.59
C TYR B 320 -4.65 -1.31 15.19
N LYS B 321 -4.70 -1.56 13.88
CA LYS B 321 -5.19 -2.82 13.23
C LYS B 321 -4.03 -3.45 12.47
N TYR B 322 -3.06 -3.99 13.21
CA TYR B 322 -1.74 -4.50 12.73
C TYR B 322 -1.76 -6.03 12.60
N HIS B 323 -2.83 -6.70 13.06
CA HIS B 323 -3.07 -8.13 12.79
C HIS B 323 -3.17 -8.33 11.27
N PRO B 324 -2.43 -9.29 10.67
CA PRO B 324 -2.41 -9.43 9.21
C PRO B 324 -3.81 -9.71 8.60
N GLU B 325 -4.72 -10.34 9.35
CA GLU B 325 -6.10 -10.57 8.88
C GLU B 325 -6.73 -9.23 8.45
N TYR B 326 -6.27 -8.09 8.98
CA TYR B 326 -6.83 -6.77 8.61
C TYR B 326 -6.53 -6.47 7.13
N GLN B 327 -5.57 -7.19 6.54
CA GLN B 327 -5.21 -7.00 5.11
C GLN B 327 -6.42 -7.40 4.25
N TYR B 328 -7.06 -8.51 4.61
CA TYR B 328 -8.28 -9.04 3.95
C TYR B 328 -9.44 -8.12 4.32
N LEU B 329 -9.68 -7.95 5.62
CA LEU B 329 -10.82 -7.17 6.19
C LEU B 329 -10.88 -5.76 5.59
N ASN B 330 -9.74 -5.07 5.44
CA ASN B 330 -9.65 -3.66 4.99
C ASN B 330 -9.95 -3.55 3.49
N ILE B 331 -9.68 -4.62 2.74
CA ILE B 331 -10.00 -4.68 1.28
C ILE B 331 -11.52 -4.80 1.15
N ILE B 332 -12.11 -5.62 2.03
CA ILE B 332 -13.59 -5.76 2.15
C ILE B 332 -14.20 -4.42 2.57
N TYR B 333 -13.66 -3.73 3.57
CA TYR B 333 -14.07 -2.36 3.94
C TYR B 333 -13.93 -1.46 2.71
N ASP B 334 -12.79 -1.51 1.99
CA ASP B 334 -12.48 -0.58 0.87
C ASP B 334 -13.49 -0.79 -0.25
N ILE B 335 -13.75 -2.04 -0.59
CA ILE B 335 -14.69 -2.37 -1.69
C ILE B 335 -16.09 -1.91 -1.29
N MET B 336 -16.64 -2.35 -0.15
CA MET B 336 -18.00 -1.94 0.32
C MET B 336 -18.18 -0.42 0.26
N MET B 337 -17.14 0.36 0.58
CA MET B 337 -17.25 1.83 0.76
C MET B 337 -17.03 2.57 -0.57
N ASN B 338 -16.07 2.13 -1.39
CA ASN B 338 -15.68 2.83 -2.65
C ASN B 338 -15.81 1.93 -3.88
N GLY B 339 -16.35 0.72 -3.74
CA GLY B 339 -16.47 -0.24 -4.85
C GLY B 339 -17.48 0.19 -5.91
N ASN B 340 -17.19 -0.10 -7.18
CA ASN B 340 -18.06 0.17 -8.36
C ASN B 340 -19.21 -0.84 -8.42
N LYS B 341 -20.44 -0.34 -8.45
CA LYS B 341 -21.66 -1.17 -8.66
C LYS B 341 -21.68 -1.74 -10.09
N GLN B 342 -21.49 -3.05 -10.26
CA GLN B 342 -21.56 -3.76 -11.56
C GLN B 342 -22.53 -4.93 -11.43
N SER B 343 -23.15 -5.35 -12.53
CA SER B 343 -24.26 -6.33 -12.55
C SER B 343 -24.22 -7.08 -13.88
N ASP B 344 -23.51 -8.21 -13.93
CA ASP B 344 -23.65 -9.17 -15.06
C ASP B 344 -22.77 -10.41 -14.88
N ARG B 345 -22.80 -11.25 -15.93
CA ARG B 345 -22.43 -12.70 -15.96
C ARG B 345 -23.68 -13.52 -15.57
N THR B 346 -24.52 -13.01 -14.65
CA THR B 346 -25.84 -13.61 -14.24
C THR B 346 -26.91 -12.54 -13.97
N GLY B 347 -26.52 -11.27 -13.76
CA GLY B 347 -27.37 -10.26 -13.09
C GLY B 347 -27.34 -10.44 -11.58
N VAL B 348 -26.39 -11.24 -11.08
CA VAL B 348 -26.26 -11.56 -9.62
C VAL B 348 -25.95 -10.27 -8.83
N GLY B 349 -25.09 -9.36 -9.31
CA GLY B 349 -24.81 -8.06 -8.65
C GLY B 349 -23.61 -8.10 -7.71
N VAL B 350 -22.60 -7.25 -7.96
CA VAL B 350 -21.29 -7.18 -7.22
C VAL B 350 -20.95 -5.71 -6.92
N LEU B 351 -20.13 -5.50 -5.89
CA LEU B 351 -19.27 -4.30 -5.75
C LEU B 351 -17.86 -4.76 -6.12
N SER B 352 -17.17 -4.05 -7.01
CA SER B 352 -15.89 -4.49 -7.63
C SER B 352 -14.90 -3.34 -7.58
N LYS B 353 -13.61 -3.67 -7.47
CA LYS B 353 -12.47 -2.73 -7.57
C LYS B 353 -11.29 -3.51 -8.18
N PHE B 354 -10.25 -2.84 -8.68
CA PHE B 354 -9.22 -3.49 -9.54
C PHE B 354 -7.82 -3.31 -8.92
N GLY B 355 -7.16 -4.41 -8.54
CA GLY B 355 -5.73 -4.40 -8.21
C GLY B 355 -5.45 -4.14 -6.74
N TYR B 356 -5.39 -5.22 -5.95
CA TYR B 356 -4.94 -5.19 -4.53
C TYR B 356 -3.80 -6.18 -4.38
N ILE B 357 -3.04 -6.01 -3.32
CA ILE B 357 -1.93 -6.94 -2.94
C ILE B 357 -1.99 -7.16 -1.43
N MET B 358 -1.95 -8.42 -0.99
CA MET B 358 -1.85 -8.83 0.43
C MET B 358 -0.56 -9.64 0.57
N LYS B 359 0.18 -9.45 1.65
CA LYS B 359 1.43 -10.20 1.95
C LYS B 359 1.27 -10.87 3.33
N PHE B 360 1.51 -12.18 3.46
CA PHE B 360 1.50 -12.88 4.76
C PHE B 360 2.89 -13.44 5.07
N ASP B 361 3.33 -13.29 6.32
CA ASP B 361 4.66 -13.80 6.74
C ASP B 361 4.51 -15.24 7.24
N LEU B 362 4.56 -16.20 6.33
CA LEU B 362 4.42 -17.64 6.63
C LEU B 362 5.44 -18.11 7.66
N SER B 363 6.50 -17.35 7.94
CA SER B 363 7.53 -17.71 8.96
C SER B 363 6.99 -17.47 10.37
N GLN B 364 5.93 -16.68 10.53
CA GLN B 364 5.41 -16.21 11.85
C GLN B 364 4.01 -16.77 12.09
N TYR B 365 3.30 -17.25 11.06
CA TYR B 365 1.89 -17.70 11.17
C TYR B 365 1.35 -18.32 9.87
N PHE B 366 0.32 -19.14 10.00
CA PHE B 366 -0.49 -19.66 8.87
C PHE B 366 -1.75 -18.79 8.74
N PRO B 367 -1.91 -17.98 7.67
CA PRO B 367 -3.01 -17.01 7.61
C PRO B 367 -4.35 -17.66 7.19
N LEU B 368 -4.91 -18.45 8.11
CA LEU B 368 -6.30 -19.00 8.04
C LEU B 368 -7.21 -18.05 8.81
N LEU B 369 -8.03 -17.29 8.11
CA LEU B 369 -8.92 -16.26 8.71
C LEU B 369 -9.49 -16.79 10.01
N THR B 370 -9.55 -15.91 11.01
CA THR B 370 -10.09 -16.20 12.37
C THR B 370 -11.43 -15.50 12.57
N THR B 371 -11.88 -14.61 11.68
CA THR B 371 -13.16 -13.87 11.87
C THR B 371 -14.33 -14.75 11.39
N LYS B 372 -14.05 -16.01 11.04
CA LYS B 372 -15.06 -17.06 10.75
C LYS B 372 -14.35 -18.42 10.73
N LYS B 373 -15.12 -19.52 10.84
CA LYS B 373 -14.60 -20.92 10.83
C LYS B 373 -14.26 -21.28 9.38
N LEU B 374 -13.07 -21.83 9.12
CA LEU B 374 -12.69 -22.36 7.78
C LEU B 374 -12.27 -23.83 7.87
N PHE B 375 -12.52 -24.58 6.81
CA PHE B 375 -12.26 -26.03 6.70
C PHE B 375 -11.30 -26.25 5.54
N LEU B 376 -10.28 -27.07 5.73
CA LEU B 376 -9.21 -27.19 4.72
C LEU B 376 -9.10 -28.59 4.11
N ARG B 377 -9.79 -29.62 4.61
CA ARG B 377 -9.62 -30.99 4.05
C ARG B 377 -9.79 -30.92 2.53
N GLY B 378 -10.91 -30.32 2.10
CA GLY B 378 -11.27 -30.18 0.67
C GLY B 378 -10.18 -29.46 -0.11
N ILE B 379 -9.79 -28.27 0.36
CA ILE B 379 -8.69 -27.40 -0.17
C ILE B 379 -7.42 -28.24 -0.35
N ILE B 380 -7.09 -29.08 0.61
CA ILE B 380 -5.85 -29.91 0.54
C ILE B 380 -6.04 -31.02 -0.51
N GLU B 381 -7.17 -31.71 -0.50
CA GLU B 381 -7.40 -32.81 -1.47
C GLU B 381 -7.27 -32.26 -2.89
N GLU B 382 -7.86 -31.07 -3.14
CA GLU B 382 -7.78 -30.32 -4.42
C GLU B 382 -6.33 -30.03 -4.79
N LEU B 383 -5.54 -29.63 -3.81
CA LEU B 383 -4.13 -29.29 -4.07
C LEU B 383 -3.39 -30.57 -4.50
N LEU B 384 -3.64 -31.70 -3.83
CA LEU B 384 -2.95 -33.00 -4.09
C LEU B 384 -3.36 -33.53 -5.47
N TRP B 385 -4.58 -33.23 -5.85
CA TRP B 385 -5.23 -33.59 -7.13
C TRP B 385 -4.60 -32.81 -8.29
N PHE B 386 -4.33 -31.51 -8.14
CA PHE B 386 -3.57 -30.72 -9.14
C PHE B 386 -2.19 -31.37 -9.29
N ILE B 387 -1.55 -31.68 -8.17
CA ILE B 387 -0.13 -32.13 -8.14
C ILE B 387 -0.05 -33.45 -8.92
N ARG B 388 -1.02 -34.35 -8.78
CA ARG B 388 -0.99 -35.64 -9.51
C ARG B 388 -1.23 -35.47 -11.02
N GLY B 389 -1.75 -34.32 -11.49
CA GLY B 389 -1.97 -34.06 -12.93
C GLY B 389 -3.42 -34.26 -13.34
N GLU B 390 -4.33 -34.52 -12.39
CA GLU B 390 -5.70 -35.06 -12.62
C GLU B 390 -6.67 -33.96 -13.10
N THR B 391 -7.62 -34.34 -13.96
CA THR B 391 -8.70 -33.48 -14.49
C THR B 391 -10.02 -34.20 -14.28
N ASN B 392 -10.01 -35.26 -13.48
CA ASN B 392 -11.15 -36.20 -13.27
C ASN B 392 -11.94 -35.77 -12.03
N GLY B 393 -13.04 -35.07 -12.24
CA GLY B 393 -13.93 -34.60 -11.18
C GLY B 393 -14.38 -35.73 -10.26
N ASN B 394 -14.44 -36.97 -10.74
CA ASN B 394 -15.00 -38.06 -9.93
C ASN B 394 -14.06 -38.27 -8.74
N THR B 395 -12.75 -38.35 -8.96
CA THR B 395 -11.74 -38.58 -7.87
C THR B 395 -12.05 -37.74 -6.63
N LEU B 396 -12.43 -36.48 -6.81
CA LEU B 396 -12.71 -35.46 -5.75
C LEU B 396 -14.10 -35.72 -5.13
N LEU B 397 -15.10 -36.08 -5.94
CA LEU B 397 -16.49 -36.39 -5.48
C LEU B 397 -16.50 -37.64 -4.59
N ASN B 398 -15.60 -38.61 -4.86
CA ASN B 398 -15.49 -39.87 -4.07
C ASN B 398 -14.91 -39.53 -2.69
N LYS B 399 -14.17 -38.42 -2.59
CA LYS B 399 -13.64 -37.93 -1.30
C LYS B 399 -14.58 -36.86 -0.73
N ASN B 400 -15.79 -36.77 -1.26
CA ASN B 400 -16.74 -35.67 -0.95
C ASN B 400 -15.99 -34.34 -0.90
N VAL B 401 -15.24 -34.02 -1.96
CA VAL B 401 -14.83 -32.63 -2.30
C VAL B 401 -15.64 -32.24 -3.54
N ARG B 402 -16.53 -31.26 -3.38
CA ARG B 402 -17.58 -30.85 -4.35
C ARG B 402 -17.29 -29.43 -4.83
N ILE B 403 -16.08 -28.95 -4.60
CA ILE B 403 -15.55 -27.67 -5.16
C ILE B 403 -15.92 -27.59 -6.65
N TRP B 404 -15.70 -28.67 -7.41
CA TRP B 404 -15.79 -28.71 -8.89
C TRP B 404 -17.07 -29.38 -9.41
N GLU B 405 -18.00 -29.78 -8.54
CA GLU B 405 -19.21 -30.52 -8.98
C GLU B 405 -20.02 -29.63 -9.95
N ALA B 406 -20.28 -28.38 -9.58
CA ALA B 406 -21.16 -27.48 -10.37
C ALA B 406 -20.60 -27.32 -11.79
N ASN B 407 -19.29 -27.43 -11.97
CA ASN B 407 -18.64 -27.11 -13.26
C ASN B 407 -18.46 -28.37 -14.06
N GLY B 408 -18.92 -29.51 -13.56
CA GLY B 408 -18.86 -30.81 -14.26
C GLY B 408 -20.23 -31.32 -14.73
N THR B 409 -21.33 -30.66 -14.38
CA THR B 409 -22.68 -31.16 -14.74
C THR B 409 -22.79 -31.09 -16.26
N ARG B 410 -23.69 -31.89 -16.83
CA ARG B 410 -24.02 -31.90 -18.28
C ARG B 410 -24.48 -30.47 -18.68
N GLU B 411 -25.39 -29.88 -17.89
CA GLU B 411 -25.97 -28.52 -18.12
C GLU B 411 -24.80 -27.53 -18.21
N PHE B 412 -23.87 -27.57 -17.26
CA PHE B 412 -22.77 -26.58 -17.22
C PHE B 412 -21.83 -26.79 -18.42
N LEU B 413 -21.42 -28.02 -18.66
CA LEU B 413 -20.55 -28.36 -19.82
C LEU B 413 -21.24 -27.96 -21.14
N ASP B 414 -22.58 -28.03 -21.20
CA ASP B 414 -23.34 -27.75 -22.46
C ASP B 414 -23.39 -26.23 -22.70
N ASN B 415 -23.61 -25.42 -21.65
CA ASN B 415 -23.57 -23.93 -21.75
C ASN B 415 -22.17 -23.49 -22.17
N ARG B 416 -21.15 -24.19 -21.68
CA ARG B 416 -19.72 -23.94 -21.96
C ARG B 416 -19.37 -24.56 -23.32
N LYS B 417 -20.37 -25.08 -24.04
CA LYS B 417 -20.26 -25.58 -25.44
C LYS B 417 -19.42 -26.86 -25.48
N LEU B 418 -19.25 -27.58 -24.38
CA LEU B 418 -18.40 -28.80 -24.36
C LEU B 418 -19.32 -30.02 -24.48
N PHE B 419 -19.98 -30.13 -25.64
CA PHE B 419 -21.04 -31.14 -25.92
C PHE B 419 -20.41 -32.52 -25.99
N HIS B 420 -19.09 -32.62 -26.11
CA HIS B 420 -18.33 -33.88 -26.34
C HIS B 420 -17.40 -34.18 -25.16
N ARG B 421 -17.76 -33.71 -23.97
CA ARG B 421 -16.96 -33.90 -22.73
C ARG B 421 -17.76 -34.74 -21.74
N GLU B 422 -17.20 -35.80 -21.16
CA GLU B 422 -17.88 -36.59 -20.11
C GLU B 422 -18.11 -35.67 -18.89
N VAL B 423 -19.29 -35.79 -18.29
CA VAL B 423 -19.69 -35.22 -16.98
C VAL B 423 -18.53 -35.43 -16.01
N ASN B 424 -18.04 -34.35 -15.39
CA ASN B 424 -16.96 -34.34 -14.36
C ASN B 424 -15.59 -34.47 -15.05
N ASP B 425 -15.54 -34.58 -16.39
CA ASP B 425 -14.28 -34.40 -17.15
C ASP B 425 -14.09 -32.90 -17.34
N LEU B 426 -13.23 -32.31 -16.51
CA LEU B 426 -13.20 -30.82 -16.36
C LEU B 426 -12.33 -30.23 -17.46
N GLY B 427 -11.71 -31.10 -18.26
CA GLY B 427 -10.84 -30.73 -19.39
C GLY B 427 -9.46 -30.33 -18.88
N PRO B 428 -8.64 -29.67 -19.73
CA PRO B 428 -7.24 -29.41 -19.44
C PRO B 428 -7.03 -28.24 -18.46
N ILE B 429 -7.40 -28.46 -17.19
CA ILE B 429 -7.38 -27.43 -16.11
C ILE B 429 -6.05 -27.54 -15.34
N TYR B 430 -5.98 -26.89 -14.19
CA TYR B 430 -4.77 -26.69 -13.38
C TYR B 430 -3.85 -27.91 -13.55
N GLY B 431 -4.33 -29.08 -13.16
CA GLY B 431 -3.50 -30.27 -12.98
C GLY B 431 -2.80 -30.65 -14.26
N PHE B 432 -3.55 -30.65 -15.37
CA PHE B 432 -3.07 -31.00 -16.73
C PHE B 432 -2.02 -29.99 -17.22
N GLN B 433 -2.20 -28.71 -16.90
CA GLN B 433 -1.27 -27.64 -17.35
C GLN B 433 -0.01 -27.64 -16.46
N TRP B 434 -0.16 -28.00 -15.20
CA TRP B 434 0.99 -28.13 -14.26
C TRP B 434 1.98 -29.19 -14.77
N ARG B 435 1.50 -30.37 -15.22
CA ARG B 435 2.32 -31.57 -15.56
C ARG B 435 2.40 -31.88 -17.07
N HIS B 436 1.63 -31.23 -17.94
CA HIS B 436 1.54 -31.59 -19.38
C HIS B 436 1.13 -30.40 -20.25
N PHE B 437 1.60 -29.18 -19.97
CA PHE B 437 1.25 -27.95 -20.74
C PHE B 437 1.76 -28.10 -22.19
N GLY B 438 0.87 -27.99 -23.17
CA GLY B 438 1.21 -28.10 -24.59
C GLY B 438 0.67 -29.37 -25.19
N ALA B 439 0.57 -30.42 -24.37
CA ALA B 439 0.01 -31.73 -24.77
C ALA B 439 -1.42 -31.55 -25.27
N GLU B 440 -1.79 -32.23 -26.35
CA GLU B 440 -3.21 -32.23 -26.82
C GLU B 440 -4.03 -33.08 -25.84
N TYR B 441 -4.99 -32.47 -25.16
CA TYR B 441 -5.89 -33.15 -24.19
C TYR B 441 -6.90 -33.99 -24.96
N THR B 442 -7.22 -35.16 -24.39
CA THR B 442 -8.08 -36.21 -24.99
C THR B 442 -9.25 -36.49 -24.07
N ASN B 443 -9.00 -37.08 -22.90
CA ASN B 443 -10.04 -37.28 -21.86
C ASN B 443 -9.32 -37.47 -20.54
N MET B 444 -10.08 -37.47 -19.44
CA MET B 444 -9.54 -37.39 -18.06
C MET B 444 -8.86 -38.72 -17.69
N TYR B 445 -9.07 -39.77 -18.48
CA TYR B 445 -8.67 -41.18 -18.20
C TYR B 445 -7.31 -41.47 -18.86
N ASP B 446 -6.94 -40.69 -19.87
CA ASP B 446 -5.66 -40.85 -20.59
C ASP B 446 -4.51 -40.57 -19.60
N ASN B 447 -3.49 -41.42 -19.61
CA ASN B 447 -2.19 -41.12 -18.93
C ASN B 447 -1.36 -40.41 -20.01
N TYR B 448 -0.81 -39.23 -19.68
CA TYR B 448 -0.19 -38.34 -20.67
C TYR B 448 1.33 -38.43 -20.49
N GLU B 449 1.81 -39.61 -20.07
CA GLU B 449 3.21 -39.75 -19.57
C GLU B 449 4.14 -39.14 -20.63
N ASN B 450 4.97 -38.19 -20.19
CA ASN B 450 6.12 -37.61 -20.93
C ASN B 450 5.62 -36.65 -22.01
N LYS B 451 4.31 -36.41 -22.09
CA LYS B 451 3.69 -35.50 -23.10
C LYS B 451 3.50 -34.11 -22.50
N GLY B 452 3.84 -33.06 -23.26
CA GLY B 452 3.78 -31.66 -22.83
C GLY B 452 4.81 -31.38 -21.76
N VAL B 453 4.84 -30.12 -21.25
CA VAL B 453 5.87 -29.54 -20.35
C VAL B 453 5.40 -29.69 -18.91
N ASP B 454 6.22 -30.34 -18.10
CA ASP B 454 6.01 -30.57 -16.66
C ASP B 454 6.62 -29.39 -15.90
N GLN B 455 5.90 -28.26 -15.90
CA GLN B 455 6.28 -26.99 -15.23
C GLN B 455 6.56 -27.21 -13.75
N LEU B 456 5.79 -28.09 -13.12
CA LEU B 456 5.93 -28.35 -11.68
C LEU B 456 7.32 -28.92 -11.41
N LYS B 457 7.77 -29.96 -12.12
CA LYS B 457 9.18 -30.44 -11.99
C LYS B 457 10.12 -29.27 -12.28
N ASN B 458 9.92 -28.63 -13.43
CA ASN B 458 10.79 -27.53 -13.92
C ASN B 458 11.03 -26.46 -12.83
N ILE B 459 9.98 -25.98 -12.15
CA ILE B 459 10.12 -24.81 -11.21
C ILE B 459 10.78 -25.31 -9.92
N ILE B 460 10.48 -26.54 -9.49
CA ILE B 460 11.16 -27.23 -8.33
C ILE B 460 12.65 -27.39 -8.63
N ASN B 461 13.00 -27.80 -9.84
CA ASN B 461 14.41 -28.00 -10.25
C ASN B 461 15.08 -26.63 -10.40
N LEU B 462 14.36 -25.60 -10.86
CA LEU B 462 14.93 -24.23 -10.98
C LEU B 462 15.25 -23.70 -9.58
N ILE B 463 14.35 -23.84 -8.62
CA ILE B 463 14.56 -23.39 -7.20
C ILE B 463 15.87 -24.01 -6.68
N LYS B 464 16.08 -25.31 -6.89
CA LYS B 464 17.21 -26.07 -6.28
C LYS B 464 18.51 -25.69 -6.98
N ASN B 465 18.48 -25.61 -8.31
CA ASN B 465 19.67 -25.43 -9.21
C ASN B 465 19.96 -23.96 -9.51
N ASP B 466 18.95 -23.09 -9.49
CA ASP B 466 19.07 -21.67 -9.96
C ASP B 466 18.15 -20.78 -9.12
N PRO B 467 18.26 -20.84 -7.78
CA PRO B 467 17.35 -20.12 -6.90
C PRO B 467 17.11 -18.66 -7.31
N THR B 468 18.10 -18.03 -7.94
CA THR B 468 18.12 -16.58 -8.30
C THR B 468 17.56 -16.36 -9.69
N SER B 469 17.06 -17.39 -10.36
CA SER B 469 16.28 -17.21 -11.60
C SER B 469 15.08 -16.32 -11.30
N ARG B 470 14.68 -15.56 -12.30
CA ARG B 470 13.51 -14.67 -12.24
C ARG B 470 12.50 -15.21 -13.23
N ARG B 471 12.61 -16.49 -13.54
CA ARG B 471 11.79 -17.25 -14.50
C ARG B 471 11.13 -18.46 -13.85
N ILE B 472 11.09 -18.48 -12.52
CA ILE B 472 10.39 -19.54 -11.73
C ILE B 472 8.92 -19.12 -11.65
N LEU B 473 8.16 -19.45 -12.72
CA LEU B 473 6.72 -19.14 -12.85
C LEU B 473 5.98 -20.43 -13.12
N LEU B 474 4.80 -20.63 -12.53
CA LEU B 474 3.88 -21.78 -12.76
C LEU B 474 2.55 -21.22 -13.27
N CYS B 475 2.19 -21.48 -14.52
CA CYS B 475 1.13 -20.74 -15.28
C CYS B 475 0.06 -21.75 -15.72
N ALA B 476 -1.20 -21.48 -15.37
CA ALA B 476 -2.37 -22.30 -15.69
C ALA B 476 -3.14 -21.67 -16.85
N TRP B 477 -2.78 -20.45 -17.25
CA TRP B 477 -3.46 -19.75 -18.37
C TRP B 477 -2.87 -20.24 -19.69
N ASN B 478 -3.24 -21.45 -20.11
CA ASN B 478 -2.96 -21.95 -21.48
C ASN B 478 -4.04 -21.43 -22.42
N VAL B 479 -3.77 -20.37 -23.19
CA VAL B 479 -4.74 -19.64 -24.06
C VAL B 479 -5.31 -20.56 -25.17
N LYS B 480 -4.50 -21.51 -25.66
CA LYS B 480 -4.88 -22.56 -26.64
C LYS B 480 -6.00 -23.42 -26.06
N ASP B 481 -6.01 -23.65 -24.75
CA ASP B 481 -6.89 -24.67 -24.12
C ASP B 481 -7.97 -24.01 -23.24
N LEU B 482 -8.05 -22.69 -23.19
CA LEU B 482 -9.05 -21.97 -22.34
C LEU B 482 -10.44 -22.52 -22.61
N ASP B 483 -10.84 -22.55 -23.88
CA ASP B 483 -12.23 -22.87 -24.29
C ASP B 483 -12.53 -24.33 -23.98
N GLN B 484 -11.51 -25.19 -24.00
CA GLN B 484 -11.67 -26.64 -23.71
C GLN B 484 -11.82 -26.86 -22.21
N MET B 485 -11.49 -25.88 -21.36
CA MET B 485 -11.59 -26.04 -19.89
C MET B 485 -13.04 -25.84 -19.45
N ALA B 486 -13.45 -26.54 -18.38
CA ALA B 486 -14.78 -26.36 -17.78
C ALA B 486 -14.90 -24.89 -17.38
N LEU B 487 -13.83 -24.35 -16.82
CA LEU B 487 -13.72 -22.96 -16.35
C LEU B 487 -12.27 -22.51 -16.47
N PRO B 488 -11.97 -21.43 -17.21
CA PRO B 488 -10.60 -20.92 -17.25
C PRO B 488 -10.15 -20.57 -15.83
N PRO B 489 -8.85 -20.71 -15.51
CA PRO B 489 -8.40 -20.75 -14.13
C PRO B 489 -8.56 -19.36 -13.51
N CYS B 490 -9.06 -19.27 -12.27
CA CYS B 490 -9.09 -18.00 -11.51
C CYS B 490 -7.65 -17.65 -11.12
N HIS B 491 -6.81 -18.68 -10.87
CA HIS B 491 -5.44 -18.55 -10.32
C HIS B 491 -4.39 -18.62 -11.44
N ILE B 492 -4.08 -17.47 -12.03
CA ILE B 492 -3.32 -17.36 -13.30
C ILE B 492 -1.92 -17.93 -13.15
N LEU B 493 -1.14 -17.49 -12.15
CA LEU B 493 0.23 -18.01 -11.96
C LEU B 493 0.72 -17.83 -10.52
N CYS B 494 1.66 -18.70 -10.10
CA CYS B 494 2.62 -18.50 -8.98
C CYS B 494 3.99 -18.18 -9.55
N GLN B 495 4.68 -17.20 -9.00
CA GLN B 495 6.10 -16.95 -9.25
C GLN B 495 6.81 -17.14 -7.91
N PHE B 496 8.00 -17.72 -7.91
CA PHE B 496 8.78 -17.89 -6.66
C PHE B 496 10.02 -17.00 -6.66
N TYR B 497 10.55 -16.78 -5.47
CA TYR B 497 11.71 -15.93 -5.17
C TYR B 497 12.44 -16.58 -4.02
N VAL B 498 13.74 -16.82 -4.18
CA VAL B 498 14.57 -17.40 -3.12
C VAL B 498 15.59 -16.35 -2.67
N PHE B 499 15.55 -15.99 -1.39
CA PHE B 499 16.64 -15.27 -0.70
C PHE B 499 17.10 -16.03 0.54
N ASP B 500 18.41 -16.26 0.68
CA ASP B 500 19.09 -16.66 1.95
C ASP B 500 18.39 -17.89 2.53
N GLY B 501 18.17 -18.89 1.67
CA GLY B 501 17.54 -20.17 2.07
C GLY B 501 16.07 -20.04 2.41
N LYS B 502 15.36 -19.12 1.74
CA LYS B 502 13.96 -18.74 2.07
C LYS B 502 13.14 -18.52 0.79
N LEU B 503 11.93 -19.06 0.75
CA LEU B 503 11.04 -19.13 -0.44
C LEU B 503 9.82 -18.21 -0.26
N SER B 504 9.68 -17.20 -1.08
CA SER B 504 8.42 -16.43 -1.17
C SER B 504 7.69 -16.85 -2.44
N CYS B 505 6.39 -16.57 -2.52
CA CYS B 505 5.50 -16.98 -3.63
C CYS B 505 4.48 -15.88 -3.91
N ILE B 506 4.44 -15.39 -5.16
CA ILE B 506 3.36 -14.50 -5.66
C ILE B 506 2.34 -15.31 -6.46
N MET B 507 1.07 -15.23 -6.06
CA MET B 507 -0.04 -15.77 -6.86
C MET B 507 -0.87 -14.58 -7.36
N TYR B 508 -0.98 -14.45 -8.69
CA TYR B 508 -1.85 -13.48 -9.39
C TYR B 508 -3.18 -14.15 -9.65
N GLN B 509 -4.26 -13.49 -9.24
CA GLN B 509 -5.64 -14.03 -9.33
C GLN B 509 -6.50 -13.04 -10.12
N ARG B 510 -7.07 -13.48 -11.25
CA ARG B 510 -7.79 -12.59 -12.18
C ARG B 510 -9.14 -12.22 -11.58
N SER B 511 -9.70 -13.08 -10.74
CA SER B 511 -11.11 -12.95 -10.30
C SER B 511 -11.20 -13.45 -8.86
N CYS B 512 -11.69 -12.59 -7.97
CA CYS B 512 -11.57 -12.71 -6.50
C CYS B 512 -12.95 -12.47 -5.89
N ASP B 513 -13.66 -13.54 -5.56
CA ASP B 513 -14.89 -13.50 -4.72
C ASP B 513 -14.44 -13.41 -3.27
N LEU B 514 -14.64 -12.27 -2.63
CA LEU B 514 -13.86 -11.92 -1.42
C LEU B 514 -14.48 -12.52 -0.16
N GLY B 515 -15.79 -12.72 -0.14
CA GLY B 515 -16.49 -13.26 1.04
C GLY B 515 -16.51 -14.77 1.07
N LEU B 516 -16.43 -15.44 -0.09
CA LEU B 516 -16.49 -16.93 -0.11
C LEU B 516 -15.15 -17.52 -0.57
N GLY B 517 -14.54 -16.94 -1.59
CA GLY B 517 -13.43 -17.54 -2.35
C GLY B 517 -12.05 -17.20 -1.81
N VAL B 518 -11.69 -15.92 -1.70
CA VAL B 518 -10.27 -15.58 -1.42
C VAL B 518 -9.87 -16.18 -0.07
N PRO B 519 -10.72 -16.21 0.98
CA PRO B 519 -10.31 -16.83 2.23
C PRO B 519 -9.70 -18.22 1.98
N PHE B 520 -10.33 -19.05 1.14
CA PHE B 520 -9.81 -20.41 0.78
C PHE B 520 -8.52 -20.25 -0.03
N ASN B 521 -8.51 -19.32 -0.98
CA ASN B 521 -7.37 -19.08 -1.90
C ASN B 521 -6.09 -18.80 -1.10
N ILE B 522 -6.15 -17.87 -0.16
CA ILE B 522 -5.01 -17.60 0.76
C ILE B 522 -4.46 -18.94 1.29
N ALA B 523 -5.30 -19.75 1.91
CA ALA B 523 -4.92 -21.03 2.53
C ALA B 523 -4.28 -21.97 1.50
N SER B 524 -4.94 -22.23 0.37
CA SER B 524 -4.40 -23.08 -0.72
C SER B 524 -2.96 -22.70 -0.99
N TYR B 525 -2.74 -21.44 -1.39
CA TYR B 525 -1.47 -20.99 -1.98
C TYR B 525 -0.45 -20.79 -0.86
N SER B 526 -0.91 -20.66 0.38
CA SER B 526 -0.02 -20.70 1.56
C SER B 526 0.44 -22.14 1.77
N ILE B 527 -0.46 -23.12 1.74
CA ILE B 527 -0.10 -24.54 1.94
C ILE B 527 0.89 -24.95 0.85
N PHE B 528 0.63 -24.54 -0.39
CA PHE B 528 1.42 -24.93 -1.59
C PHE B 528 2.84 -24.41 -1.45
N THR B 529 2.99 -23.18 -0.97
CA THR B 529 4.31 -22.57 -0.69
C THR B 529 5.14 -23.49 0.24
N HIS B 530 4.62 -23.81 1.44
CA HIS B 530 5.20 -24.77 2.43
C HIS B 530 5.65 -26.06 1.77
N MET B 531 4.73 -26.70 1.06
CA MET B 531 5.00 -27.95 0.31
C MET B 531 6.21 -27.71 -0.61
N ILE B 532 6.22 -26.65 -1.42
CA ILE B 532 7.36 -26.36 -2.34
C ILE B 532 8.61 -26.18 -1.49
N ALA B 533 8.57 -25.25 -0.53
CA ALA B 533 9.73 -24.88 0.31
C ALA B 533 10.32 -26.14 0.92
N GLN B 534 9.51 -27.01 1.49
CA GLN B 534 10.03 -28.21 2.21
C GLN B 534 10.73 -29.13 1.21
N VAL B 535 10.04 -29.39 0.11
CA VAL B 535 10.50 -30.28 -1.00
C VAL B 535 11.86 -29.80 -1.55
N CYS B 536 12.19 -28.51 -1.43
CA CYS B 536 13.45 -27.87 -1.92
C CYS B 536 14.40 -27.51 -0.76
N ASN B 537 14.13 -28.02 0.44
CA ASN B 537 14.92 -27.80 1.69
C ASN B 537 15.09 -26.31 1.93
N LEU B 538 14.00 -25.53 1.87
CA LEU B 538 13.94 -24.06 2.14
C LEU B 538 12.89 -23.73 3.23
N GLN B 539 13.09 -22.61 3.93
CA GLN B 539 12.12 -22.01 4.88
C GLN B 539 11.11 -21.17 4.09
N PRO B 540 9.79 -21.30 4.31
CA PRO B 540 8.83 -20.39 3.69
C PRO B 540 8.94 -18.99 4.27
N ALA B 541 8.94 -17.98 3.40
CA ALA B 541 8.98 -16.54 3.78
C ALA B 541 7.56 -15.98 3.59
N GLN B 542 7.28 -15.27 2.50
CA GLN B 542 5.97 -14.60 2.34
C GLN B 542 5.13 -15.31 1.28
N PHE B 543 3.82 -15.30 1.49
CA PHE B 543 2.83 -15.55 0.42
C PHE B 543 2.26 -14.19 0.06
N ILE B 544 2.40 -13.79 -1.20
CA ILE B 544 1.94 -12.47 -1.71
C ILE B 544 0.80 -12.70 -2.68
N HIS B 545 -0.37 -12.16 -2.34
CA HIS B 545 -1.65 -12.48 -3.03
C HIS B 545 -2.00 -11.23 -3.83
N VAL B 546 -1.95 -11.31 -5.16
CA VAL B 546 -2.27 -10.17 -6.05
C VAL B 546 -3.70 -10.35 -6.54
N LEU B 547 -4.61 -9.42 -6.20
CA LEU B 547 -6.06 -9.51 -6.57
C LEU B 547 -6.32 -8.65 -7.82
N GLY B 548 -6.98 -9.23 -8.83
CA GLY B 548 -7.29 -8.50 -10.06
C GLY B 548 -8.66 -7.86 -9.96
N ASN B 549 -9.66 -8.38 -10.69
CA ASN B 549 -11.06 -8.02 -10.44
C ASN B 549 -11.41 -8.50 -9.02
N ALA B 550 -11.43 -7.60 -8.04
CA ALA B 550 -11.75 -7.92 -6.62
C ALA B 550 -13.18 -7.47 -6.36
N HIS B 551 -14.06 -8.40 -5.96
CA HIS B 551 -15.51 -8.12 -5.87
C HIS B 551 -16.16 -8.79 -4.64
N VAL B 552 -17.19 -8.12 -4.15
CA VAL B 552 -18.12 -8.60 -3.08
C VAL B 552 -19.49 -8.72 -3.73
N TYR B 553 -20.06 -9.92 -3.76
CA TYR B 553 -21.49 -10.14 -4.10
C TYR B 553 -22.33 -9.36 -3.10
N ASN B 554 -23.36 -8.64 -3.56
CA ASN B 554 -24.31 -7.88 -2.70
C ASN B 554 -24.94 -8.82 -1.65
N ASN B 555 -25.12 -10.08 -2.04
CA ASN B 555 -25.65 -11.17 -1.16
C ASN B 555 -24.81 -11.38 0.09
N HIS B 556 -23.54 -10.94 0.09
CA HIS B 556 -22.55 -11.23 1.17
C HIS B 556 -22.45 -10.06 2.18
N ILE B 557 -23.02 -8.90 1.85
CA ILE B 557 -22.69 -7.65 2.58
C ILE B 557 -23.15 -7.78 4.05
N ASP B 558 -24.35 -8.25 4.32
CA ASP B 558 -24.86 -8.31 5.71
C ASP B 558 -23.86 -9.14 6.55
N SER B 559 -23.34 -10.23 5.97
CA SER B 559 -22.43 -11.20 6.65
C SER B 559 -21.02 -10.62 6.79
N LEU B 560 -20.52 -9.92 5.78
CA LEU B 560 -19.17 -9.33 5.85
C LEU B 560 -19.15 -8.23 6.91
N LYS B 561 -20.28 -7.50 7.08
CA LYS B 561 -20.48 -6.42 8.09
C LYS B 561 -20.41 -7.02 9.50
N ILE B 562 -21.12 -8.12 9.73
CA ILE B 562 -20.98 -8.90 10.99
C ILE B 562 -19.50 -9.19 11.17
N GLN B 563 -18.87 -9.69 10.10
CA GLN B 563 -17.49 -10.24 10.14
C GLN B 563 -16.51 -9.12 10.52
N LEU B 564 -16.59 -7.97 9.83
CA LEU B 564 -15.68 -6.79 9.99
C LEU B 564 -15.61 -6.35 11.47
N ASN B 565 -16.66 -6.57 12.25
CA ASN B 565 -16.74 -6.16 13.68
C ASN B 565 -16.26 -7.26 14.61
N ARG B 566 -15.67 -8.34 14.09
CA ARG B 566 -15.09 -9.39 14.96
C ARG B 566 -13.57 -9.17 15.02
N ILE B 567 -13.01 -9.17 16.23
CA ILE B 567 -11.55 -8.97 16.45
C ILE B 567 -10.85 -10.28 16.13
N PRO B 568 -9.95 -10.33 15.11
CA PRO B 568 -9.22 -11.55 14.81
C PRO B 568 -8.52 -12.07 16.06
N TYR B 569 -8.37 -13.40 16.14
CA TYR B 569 -7.53 -14.13 17.12
C TYR B 569 -6.13 -14.29 16.53
N PRO B 570 -5.11 -14.61 17.35
CA PRO B 570 -3.82 -15.00 16.81
C PRO B 570 -4.04 -16.19 15.87
N PHE B 571 -3.39 -16.14 14.72
CA PHE B 571 -3.50 -17.21 13.68
C PHE B 571 -2.90 -18.50 14.20
N PRO B 572 -3.25 -19.61 13.55
CA PRO B 572 -2.63 -20.90 13.84
C PRO B 572 -1.34 -21.09 13.05
N THR B 573 -0.78 -22.31 13.17
CA THR B 573 0.43 -22.80 12.45
C THR B 573 0.07 -24.08 11.68
N LEU B 574 0.80 -24.30 10.58
CA LEU B 574 0.70 -25.49 9.72
C LEU B 574 1.91 -26.36 10.02
N LYS B 575 1.69 -27.63 10.36
CA LYS B 575 2.75 -28.65 10.53
C LYS B 575 2.66 -29.58 9.32
N LEU B 576 3.66 -29.56 8.44
CA LEU B 576 3.84 -30.61 7.40
C LEU B 576 4.66 -31.74 8.02
N ASN B 577 4.25 -32.96 7.72
CA ASN B 577 5.08 -34.16 7.98
C ASN B 577 6.46 -33.96 7.34
N PRO B 578 7.53 -33.82 8.13
CA PRO B 578 8.87 -33.50 7.61
C PRO B 578 9.54 -34.54 6.71
N ASP B 579 9.13 -35.80 6.79
CA ASP B 579 9.70 -36.93 5.99
C ASP B 579 9.39 -36.79 4.49
N ILE B 580 8.43 -35.96 4.09
CA ILE B 580 7.96 -35.88 2.68
C ILE B 580 8.86 -34.88 2.00
N LYS B 581 9.57 -35.33 0.96
CA LYS B 581 10.65 -34.60 0.23
C LYS B 581 10.43 -34.63 -1.30
N ASN B 582 9.40 -35.32 -1.81
CA ASN B 582 8.96 -35.19 -3.22
C ASN B 582 7.52 -34.64 -3.24
N ILE B 583 7.26 -33.68 -4.11
CA ILE B 583 5.98 -32.94 -4.20
C ILE B 583 4.82 -33.91 -4.46
N GLU B 584 5.12 -35.04 -5.11
CA GLU B 584 4.11 -36.04 -5.49
C GLU B 584 3.83 -36.96 -4.31
N ASP B 585 4.54 -36.88 -3.20
CA ASP B 585 4.45 -37.92 -2.14
C ASP B 585 3.61 -37.47 -0.93
N PHE B 586 2.87 -36.35 -1.02
CA PHE B 586 2.01 -35.89 0.12
C PHE B 586 0.68 -36.66 0.14
N THR B 587 0.20 -36.90 1.35
CA THR B 587 -1.08 -37.58 1.68
C THR B 587 -1.87 -36.65 2.59
N ILE B 588 -3.19 -36.76 2.61
CA ILE B 588 -4.05 -35.84 3.40
C ILE B 588 -3.58 -35.89 4.87
N SER B 589 -3.10 -37.05 5.33
CA SER B 589 -2.59 -37.24 6.72
C SER B 589 -1.32 -36.43 6.99
N ASP B 590 -0.64 -35.93 5.97
CA ASP B 590 0.68 -35.25 6.12
C ASP B 590 0.53 -33.81 6.61
N PHE B 591 -0.71 -33.33 6.78
CA PHE B 591 -1.02 -31.90 7.01
C PHE B 591 -1.74 -31.76 8.35
N THR B 592 -1.30 -30.85 9.20
CA THR B 592 -2.00 -30.57 10.49
C THR B 592 -2.02 -29.07 10.77
N ILE B 593 -3.23 -28.50 10.88
CA ILE B 593 -3.45 -27.15 11.46
C ILE B 593 -3.41 -27.29 12.98
N GLN B 594 -2.67 -26.41 13.64
CA GLN B 594 -2.47 -26.45 15.11
C GLN B 594 -2.88 -25.11 15.70
N ASN B 595 -3.75 -25.14 16.71
CA ASN B 595 -4.13 -23.97 17.55
C ASN B 595 -4.96 -22.97 16.73
N TYR B 596 -5.89 -23.48 15.91
CA TYR B 596 -6.87 -22.65 15.17
C TYR B 596 -7.99 -22.21 16.13
N VAL B 597 -7.96 -20.94 16.52
CA VAL B 597 -8.98 -20.26 17.39
C VAL B 597 -9.74 -19.32 16.46
N HIS B 598 -11.05 -19.47 16.40
CA HIS B 598 -11.93 -18.86 15.38
C HIS B 598 -13.29 -18.52 16.00
N HIS B 599 -13.91 -17.47 15.45
CA HIS B 599 -15.31 -17.06 15.66
C HIS B 599 -16.23 -18.11 15.02
N GLU B 600 -17.54 -17.97 15.23
CA GLU B 600 -18.59 -18.88 14.70
C GLU B 600 -18.51 -18.94 13.17
N LYS B 601 -18.84 -20.07 12.55
CA LYS B 601 -19.04 -20.18 11.08
C LYS B 601 -20.12 -19.17 10.67
N ILE B 602 -19.90 -18.44 9.58
CA ILE B 602 -20.88 -17.51 8.97
C ILE B 602 -21.26 -18.08 7.61
N SER B 603 -22.53 -18.42 7.42
CA SER B 603 -23.17 -18.45 6.08
C SER B 603 -23.04 -17.04 5.48
N MET B 604 -22.34 -16.91 4.33
CA MET B 604 -22.09 -15.60 3.69
C MET B 604 -23.37 -15.12 2.99
N ASP B 605 -24.02 -16.04 2.25
CA ASP B 605 -25.44 -15.93 1.80
C ASP B 605 -26.28 -16.19 3.05
N MET B 606 -27.05 -15.22 3.54
CA MET B 606 -27.80 -15.40 4.80
C MET B 606 -29.20 -15.95 4.49
N ALA B 607 -29.36 -16.68 3.36
CA ALA B 607 -30.65 -17.16 2.77
C ALA B 607 -31.26 -18.31 3.58
N ALA B 608 -32.59 -18.50 3.49
CA ALA B 608 -33.38 -19.59 4.10
C ALA B 608 -34.71 -19.80 3.33
#